data_1ZHO
#
_entry.id   1ZHO
#
_cell.length_a   71.600
_cell.length_b   101.900
_cell.length_c   119.600
_cell.angle_alpha   90.00
_cell.angle_beta   93.66
_cell.angle_gamma   90.00
#
_symmetry.space_group_name_H-M   'P 1 21 1'
#
loop_
_entity.id
_entity.type
_entity.pdbx_description
1 polymer mRNA
2 polymer '50S ribosomal protein L1'
3 non-polymer 'POTASSIUM ION'
4 water water
#
loop_
_entity_poly.entity_id
_entity_poly.type
_entity_poly.pdbx_seq_one_letter_code
_entity_poly.pdbx_strand_id
1 'polyribonucleotide' GGGAGUGAAGGAGGCUUCGGCCGCGAAACUUCACUCCC B,D,F,H
2 'polypeptide(L)'
;PKHGKRYRALLEKVDPNKIYTIDEAAHLVKELATAKFDETVEVHAKLGIDPRRSDQNVRGTVSLPHGLGKQVRVLAIAKG
EKIKEAEEAGADYVGGEEIIQKILDGW(MSE)DFDAVVATPDV(MSE)GAVGSKLGRILGPRGLLPNPKAGTVGFNIGEI
IREIKAGRIEFRNDKTGAIHAPVGKASFPPEKLADNIRAFIRALEAHKPEGAKGTFLRSVYVTTT(MSE)GPSVRINPHS
;
A,C,E,G
#
loop_
_chem_comp.id
_chem_comp.type
_chem_comp.name
_chem_comp.formula
A RNA linking ADENOSINE-5'-MONOPHOSPHATE 'C10 H14 N5 O7 P'
C RNA linking CYTIDINE-5'-MONOPHOSPHATE 'C9 H14 N3 O8 P'
G RNA linking GUANOSINE-5'-MONOPHOSPHATE 'C10 H14 N5 O8 P'
K non-polymer 'POTASSIUM ION' 'K 1'
U RNA linking URIDINE-5'-MONOPHOSPHATE 'C9 H13 N2 O9 P'
#
# COMPACT_ATOMS: atom_id res chain seq x y z
N PRO E 1 26.07 8.43 18.75
CA PRO E 1 26.14 7.00 18.34
C PRO E 1 27.56 6.44 18.44
N LYS E 2 27.65 5.17 18.83
CA LYS E 2 28.93 4.47 18.98
C LYS E 2 29.72 4.47 17.65
N HIS E 3 30.78 5.24 17.57
CA HIS E 3 31.58 5.30 16.36
C HIS E 3 32.89 4.54 16.49
N GLY E 4 33.49 4.20 15.36
CA GLY E 4 34.76 3.49 15.39
C GLY E 4 35.91 4.46 15.53
N LYS E 5 37.11 3.95 15.82
CA LYS E 5 38.27 4.81 15.97
C LYS E 5 38.60 5.52 14.67
N ARG E 6 38.41 4.82 13.55
CA ARG E 6 38.67 5.40 12.23
C ARG E 6 37.91 6.71 12.12
N TYR E 7 36.64 6.66 12.50
CA TYR E 7 35.76 7.82 12.46
C TYR E 7 36.03 8.84 13.57
N ARG E 8 36.31 8.36 14.78
CA ARG E 8 36.61 9.25 15.89
C ARG E 8 37.80 10.10 15.48
N ALA E 9 38.63 9.53 14.66
CA ALA E 9 39.80 10.22 14.12
C ALA E 9 39.42 11.28 13.13
N LEU E 10 38.52 10.94 12.20
CA LEU E 10 38.08 11.89 11.19
C LEU E 10 37.51 13.15 11.82
N LEU E 11 36.89 13.00 12.98
CA LEU E 11 36.29 14.13 13.68
C LEU E 11 37.27 15.23 14.01
N GLU E 12 38.47 14.83 14.41
CA GLU E 12 39.52 15.77 14.77
C GLU E 12 39.96 16.57 13.54
N LYS E 13 39.61 16.09 12.35
CA LYS E 13 40.01 16.75 11.12
C LYS E 13 39.12 17.89 10.61
N VAL E 14 37.88 17.92 11.04
CA VAL E 14 36.94 18.96 10.62
C VAL E 14 36.43 19.78 11.81
N ASP E 15 36.07 21.03 11.56
CA ASP E 15 35.54 21.92 12.58
C ASP E 15 34.06 22.18 12.32
N PRO E 16 33.16 21.55 13.11
CA PRO E 16 31.71 21.71 12.97
C PRO E 16 31.13 23.12 13.10
N ASN E 17 31.90 24.07 13.64
CA ASN E 17 31.39 25.45 13.77
C ASN E 17 31.84 26.29 12.58
N LYS E 18 32.68 25.72 11.74
CA LYS E 18 33.18 26.44 10.59
C LYS E 18 32.44 26.12 9.30
N ILE E 19 32.07 27.18 8.58
CA ILE E 19 31.41 27.02 7.30
C ILE E 19 32.59 27.00 6.32
N TYR E 20 32.84 25.85 5.71
CA TYR E 20 33.93 25.75 4.77
C TYR E 20 33.49 26.25 3.37
N THR E 21 34.49 26.57 2.57
CA THR E 21 34.21 26.97 1.23
C THR E 21 34.03 25.68 0.43
N ILE E 22 33.39 25.79 -0.75
CA ILE E 22 33.22 24.63 -1.63
C ILE E 22 34.58 24.02 -1.90
N ASP E 23 35.58 24.87 -2.01
CA ASP E 23 36.95 24.42 -2.30
C ASP E 23 37.70 23.87 -1.11
N GLU E 24 37.55 24.49 0.06
CA GLU E 24 38.24 23.98 1.24
C GLU E 24 37.76 22.54 1.48
N ALA E 25 36.43 22.37 1.41
CA ALA E 25 35.78 21.07 1.59
C ALA E 25 36.34 20.05 0.62
N ALA E 26 36.44 20.44 -0.65
CA ALA E 26 36.96 19.59 -1.72
C ALA E 26 38.35 19.04 -1.39
N HIS E 27 39.09 19.72 -0.53
CA HIS E 27 40.41 19.25 -0.17
C HIS E 27 40.37 18.33 1.04
N LEU E 28 39.36 18.48 1.89
CA LEU E 28 39.24 17.61 3.05
C LEU E 28 38.89 16.20 2.60
N VAL E 29 38.01 16.08 1.61
CA VAL E 29 37.51 14.84 1.02
C VAL E 29 38.46 13.64 1.05
N LYS E 30 39.67 13.86 0.58
CA LYS E 30 40.68 12.81 0.59
C LYS E 30 40.96 12.34 2.02
N GLU E 31 41.25 13.29 2.90
CA GLU E 31 41.57 13.00 4.30
C GLU E 31 40.42 12.45 5.12
N LEU E 32 39.27 12.28 4.54
CA LEU E 32 38.11 11.83 5.29
C LEU E 32 37.54 10.54 4.81
N ALA E 33 37.87 10.32 3.55
CA ALA E 33 37.40 9.12 2.86
C ALA E 33 38.35 7.98 3.21
N THR E 34 38.45 7.62 4.45
CA THR E 34 39.39 6.60 4.87
C THR E 34 38.86 5.19 4.90
N ALA E 35 37.65 4.96 4.39
CA ALA E 35 37.10 3.61 4.39
C ALA E 35 37.91 2.77 3.41
N LYS E 36 37.90 1.44 3.59
CA LYS E 36 38.67 0.57 2.72
C LYS E 36 38.13 0.35 1.31
N PHE E 37 37.80 1.46 0.66
CA PHE E 37 37.34 1.49 -0.72
C PHE E 37 37.25 2.95 -1.19
N ASP E 38 37.03 3.18 -2.47
CA ASP E 38 36.95 4.53 -3.02
C ASP E 38 35.59 5.12 -2.68
N GLU E 39 35.54 5.83 -1.56
CA GLU E 39 34.30 6.43 -1.10
C GLU E 39 33.72 7.39 -2.11
N THR E 40 32.40 7.56 -2.06
CA THR E 40 31.69 8.48 -2.95
C THR E 40 31.48 9.80 -2.22
N VAL E 41 31.57 10.91 -2.96
CA VAL E 41 31.36 12.21 -2.34
C VAL E 41 29.87 12.57 -2.51
N GLU E 42 29.33 13.33 -1.57
CA GLU E 42 27.93 13.70 -1.67
C GLU E 42 27.62 15.06 -1.08
N VAL E 43 26.51 15.60 -1.53
CA VAL E 43 26.07 16.90 -1.07
C VAL E 43 24.64 16.77 -0.53
N HIS E 44 24.40 17.38 0.62
CA HIS E 44 23.10 17.33 1.26
C HIS E 44 22.61 18.76 1.52
N ALA E 45 21.43 19.07 1.03
CA ALA E 45 20.87 20.39 1.22
C ALA E 45 19.47 20.36 1.81
N LYS E 46 19.29 21.13 2.89
CA LYS E 46 18.01 21.28 3.55
C LYS E 46 17.37 22.40 2.73
N LEU E 47 16.23 22.11 2.12
CA LEU E 47 15.56 23.07 1.26
C LEU E 47 14.41 23.84 1.90
N GLY E 48 14.40 25.14 1.62
CA GLY E 48 13.37 26.02 2.12
C GLY E 48 12.10 25.81 1.32
N ILE E 49 11.41 24.72 1.64
CA ILE E 49 10.15 24.40 0.99
C ILE E 49 9.19 23.74 1.97
N ASP E 50 8.03 23.37 1.46
CA ASP E 50 7.04 22.68 2.25
C ASP E 50 6.85 21.40 1.48
N PRO E 51 7.49 20.32 1.93
CA PRO E 51 7.39 19.01 1.27
C PRO E 51 5.94 18.62 1.00
N ARG E 52 5.03 19.02 1.90
CA ARG E 52 3.62 18.67 1.80
C ARG E 52 2.94 19.31 0.61
N ARG E 53 3.46 20.47 0.21
CA ARG E 53 2.94 21.23 -0.93
C ARG E 53 3.52 20.59 -2.19
N SER E 54 2.70 19.81 -2.89
CA SER E 54 3.11 19.16 -4.12
C SER E 54 3.89 20.03 -5.11
N ASP E 55 3.48 21.29 -5.22
CA ASP E 55 4.12 22.24 -6.16
C ASP E 55 5.41 22.91 -5.67
N GLN E 56 5.88 22.51 -4.48
CA GLN E 56 7.12 23.04 -3.92
C GLN E 56 8.15 21.89 -3.87
N ASN E 57 7.86 20.83 -4.61
CA ASN E 57 8.74 19.67 -4.66
C ASN E 57 9.89 19.92 -5.61
N VAL E 58 11.11 19.89 -5.08
CA VAL E 58 12.31 20.09 -5.88
C VAL E 58 12.69 18.72 -6.43
N ARG E 59 12.57 18.57 -7.75
CA ARG E 59 12.85 17.31 -8.38
C ARG E 59 13.37 17.53 -9.78
N GLY E 60 14.48 16.88 -10.12
CA GLY E 60 15.05 17.02 -11.45
C GLY E 60 16.28 16.15 -11.71
N THR E 61 17.06 16.51 -12.71
CA THR E 61 18.29 15.80 -13.04
C THR E 61 19.25 16.83 -13.56
N VAL E 62 20.53 16.47 -13.65
CA VAL E 62 21.54 17.40 -14.11
C VAL E 62 22.74 16.58 -14.53
N SER E 63 23.53 17.13 -15.45
CA SER E 63 24.72 16.46 -15.93
C SER E 63 25.94 17.00 -15.20
N LEU E 64 26.79 16.10 -14.72
CA LEU E 64 27.99 16.51 -14.00
C LEU E 64 29.18 16.65 -14.96
N PRO E 65 29.95 17.74 -14.82
CA PRO E 65 31.13 18.10 -15.62
C PRO E 65 32.20 17.02 -15.67
N HIS E 66 32.36 16.31 -14.55
CA HIS E 66 33.38 15.28 -14.46
C HIS E 66 32.85 13.92 -14.07
N GLY E 67 31.62 13.62 -14.50
CA GLY E 67 31.04 12.33 -14.20
C GLY E 67 30.93 11.98 -12.72
N LEU E 68 30.67 10.70 -12.46
CA LEU E 68 30.56 10.20 -11.09
C LEU E 68 31.71 9.25 -10.77
N GLY E 69 32.63 9.13 -11.75
CA GLY E 69 33.78 8.25 -11.68
C GLY E 69 33.35 6.83 -11.35
N LYS E 70 32.10 6.53 -11.71
CA LYS E 70 31.49 5.25 -11.44
C LYS E 70 30.84 4.69 -12.70
N GLN E 71 31.00 3.39 -12.91
CA GLN E 71 30.41 2.71 -14.07
C GLN E 71 28.96 2.42 -13.73
N VAL E 72 28.06 2.79 -14.63
CA VAL E 72 26.62 2.61 -14.43
C VAL E 72 26.01 1.56 -15.37
N ARG E 73 25.59 0.42 -14.83
CA ARG E 73 24.99 -0.65 -15.67
C ARG E 73 23.52 -0.36 -15.96
N VAL E 74 23.24 0.15 -17.16
CA VAL E 74 21.87 0.48 -17.50
C VAL E 74 21.17 -0.59 -18.32
N LEU E 75 19.94 -0.91 -17.90
CA LEU E 75 19.09 -1.88 -18.56
C LEU E 75 18.08 -1.10 -19.39
N ALA E 76 17.70 -1.64 -20.55
CA ALA E 76 16.77 -0.96 -21.43
C ALA E 76 15.57 -1.80 -21.88
N ILE E 77 14.41 -1.60 -21.25
CA ILE E 77 13.19 -2.31 -21.63
C ILE E 77 12.63 -1.48 -22.78
N ALA E 78 12.28 -2.13 -23.89
CA ALA E 78 11.77 -1.37 -25.02
C ALA E 78 10.92 -2.15 -26.03
N LYS E 79 10.36 -1.43 -26.98
CA LYS E 79 9.52 -2.02 -28.01
C LYS E 79 9.83 -1.40 -29.38
N GLY E 80 9.98 -2.29 -30.39
CA GLY E 80 10.20 -1.90 -31.83
C GLY E 80 11.66 -1.75 -32.27
N GLU E 81 11.95 -0.69 -33.04
CA GLU E 81 13.32 -0.36 -33.49
C GLU E 81 14.10 0.34 -32.35
N LYS E 82 13.30 0.70 -31.35
CA LYS E 82 13.73 1.34 -30.11
C LYS E 82 14.76 0.49 -29.44
N ILE E 83 14.60 -0.81 -29.60
CA ILE E 83 15.56 -1.78 -29.08
C ILE E 83 16.91 -1.51 -29.75
N LYS E 84 16.90 -1.42 -31.07
CA LYS E 84 18.12 -1.15 -31.83
C LYS E 84 18.73 0.16 -31.36
N GLU E 85 17.87 1.18 -31.18
CA GLU E 85 18.31 2.49 -30.72
C GLU E 85 18.93 2.49 -29.31
N ALA E 86 18.46 1.59 -28.45
CA ALA E 86 18.97 1.47 -27.09
C ALA E 86 20.32 0.77 -27.11
N GLU E 87 20.41 -0.27 -27.92
CA GLU E 87 21.64 -1.04 -28.06
C GLU E 87 22.74 -0.12 -28.57
N GLU E 88 22.34 0.83 -29.42
CA GLU E 88 23.25 1.79 -30.04
C GLU E 88 23.75 2.83 -29.05
N ALA E 89 22.84 3.37 -28.26
CA ALA E 89 23.18 4.38 -27.25
C ALA E 89 24.23 3.83 -26.29
N GLY E 90 24.30 2.50 -26.16
CA GLY E 90 25.27 1.89 -25.29
C GLY E 90 24.80 1.17 -24.04
N ALA E 91 23.50 0.84 -23.97
CA ALA E 91 22.99 0.15 -22.80
C ALA E 91 23.71 -1.19 -22.63
N ASP E 92 23.77 -1.67 -21.39
CA ASP E 92 24.44 -2.93 -21.07
C ASP E 92 23.60 -4.12 -21.47
N TYR E 93 22.31 -4.07 -21.16
CA TYR E 93 21.40 -5.13 -21.52
C TYR E 93 20.13 -4.52 -22.08
N VAL E 94 19.86 -4.81 -23.35
CA VAL E 94 18.67 -4.30 -24.02
C VAL E 94 17.68 -5.45 -24.10
N GLY E 95 16.39 -5.15 -24.28
CA GLY E 95 15.39 -6.21 -24.36
C GLY E 95 13.97 -5.71 -24.35
N GLY E 96 13.00 -6.62 -24.38
CA GLY E 96 11.59 -6.25 -24.39
C GLY E 96 10.90 -6.78 -23.14
N GLU E 97 9.59 -7.05 -23.23
CA GLU E 97 8.86 -7.57 -22.07
C GLU E 97 9.49 -8.85 -21.52
N GLU E 98 10.22 -9.57 -22.36
CA GLU E 98 10.87 -10.81 -21.96
C GLU E 98 11.73 -10.59 -20.72
N ILE E 99 12.39 -9.44 -20.68
CA ILE E 99 13.24 -9.05 -19.58
C ILE E 99 12.44 -9.11 -18.29
N ILE E 100 11.13 -8.91 -18.41
CA ILE E 100 10.25 -8.88 -17.25
C ILE E 100 10.18 -10.18 -16.47
N GLN E 101 10.15 -11.30 -17.18
CA GLN E 101 10.09 -12.57 -16.48
C GLN E 101 11.50 -12.91 -15.99
N LYS E 102 12.49 -12.48 -16.76
CA LYS E 102 13.90 -12.72 -16.42
C LYS E 102 14.21 -12.08 -15.07
N ILE E 103 13.60 -10.93 -14.82
CA ILE E 103 13.80 -10.21 -13.58
C ILE E 103 12.96 -10.83 -12.45
N LEU E 104 11.87 -11.48 -12.82
CA LEU E 104 10.99 -12.13 -11.85
C LEU E 104 11.56 -13.48 -11.40
N ASP E 105 12.68 -13.87 -12.00
CA ASP E 105 13.37 -15.12 -11.68
C ASP E 105 14.50 -14.82 -10.71
N GLY E 106 14.90 -13.55 -10.66
CA GLY E 106 15.96 -13.11 -9.77
C GLY E 106 17.15 -12.39 -10.36
N TRP E 107 16.99 -11.80 -11.53
CA TRP E 107 18.12 -11.12 -12.16
C TRP E 107 18.17 -9.61 -11.85
N MSE E 108 19.18 -9.22 -11.10
CA MSE E 108 19.37 -7.82 -10.71
C MSE E 108 20.83 -7.41 -10.93
O MSE E 108 21.48 -6.85 -10.04
CB MSE E 108 19.02 -7.64 -9.22
CG MSE E 108 17.57 -7.96 -8.88
SE MSE E 108 16.49 -6.36 -8.53
CE MSE E 108 15.11 -7.15 -7.41
N ASP E 109 21.33 -7.69 -12.12
CA ASP E 109 22.70 -7.35 -12.46
C ASP E 109 22.84 -6.04 -13.19
N PHE E 110 22.08 -5.06 -12.72
CA PHE E 110 22.11 -3.74 -13.33
C PHE E 110 22.04 -2.71 -12.24
N ASP E 111 22.45 -1.50 -12.59
CA ASP E 111 22.45 -0.37 -11.68
C ASP E 111 21.27 0.53 -12.01
N ALA E 112 20.99 0.68 -13.30
CA ALA E 112 19.89 1.51 -13.77
C ALA E 112 19.07 0.80 -14.80
N VAL E 113 17.93 1.40 -15.10
CA VAL E 113 17.04 0.86 -16.09
C VAL E 113 16.17 1.96 -16.66
N VAL E 114 16.07 1.97 -17.98
CA VAL E 114 15.29 2.94 -18.71
C VAL E 114 14.28 2.14 -19.55
N ALA E 115 13.26 2.81 -20.08
CA ALA E 115 12.24 2.13 -20.89
C ALA E 115 11.40 3.09 -21.73
N THR E 116 11.02 2.65 -22.92
CA THR E 116 10.17 3.48 -23.79
C THR E 116 8.79 3.44 -23.14
N PRO E 117 8.06 4.57 -23.15
CA PRO E 117 6.72 4.67 -22.55
C PRO E 117 5.73 3.54 -22.89
N ASP E 118 5.89 2.97 -24.09
CA ASP E 118 5.00 1.93 -24.57
C ASP E 118 5.17 0.52 -23.97
N VAL E 119 6.07 0.37 -23.01
CA VAL E 119 6.25 -0.94 -22.36
C VAL E 119 5.92 -0.80 -20.88
N MSE E 120 5.84 0.45 -20.43
CA MSE E 120 5.55 0.82 -19.04
C MSE E 120 4.30 0.21 -18.43
O MSE E 120 4.17 0.17 -17.21
CB MSE E 120 5.49 2.33 -18.93
CG MSE E 120 6.86 2.95 -18.96
SE MSE E 120 8.07 2.06 -17.71
CE MSE E 120 7.35 2.81 -16.04
N GLY E 121 3.38 -0.24 -19.27
CA GLY E 121 2.19 -0.87 -18.74
C GLY E 121 2.70 -2.11 -18.04
N ALA E 122 3.29 -3.01 -18.83
CA ALA E 122 3.83 -4.27 -18.33
C ALA E 122 4.91 -4.04 -17.27
N VAL E 123 5.85 -3.13 -17.56
CA VAL E 123 6.93 -2.84 -16.62
C VAL E 123 6.40 -2.25 -15.33
N GLY E 124 5.47 -1.32 -15.45
CA GLY E 124 4.92 -0.69 -14.29
C GLY E 124 4.35 -1.68 -13.31
N SER E 125 3.24 -2.29 -13.69
CA SER E 125 2.54 -3.25 -12.85
C SER E 125 3.31 -4.49 -12.42
N LYS E 126 3.93 -5.17 -13.37
CA LYS E 126 4.69 -6.38 -13.08
C LYS E 126 5.95 -6.20 -12.24
N LEU E 127 6.90 -5.42 -12.77
CA LEU E 127 8.17 -5.19 -12.07
C LEU E 127 8.07 -4.19 -10.93
N GLY E 128 6.86 -3.68 -10.72
CA GLY E 128 6.63 -2.70 -9.69
C GLY E 128 7.13 -3.05 -8.30
N ARG E 129 6.67 -4.17 -7.74
CA ARG E 129 7.07 -4.52 -6.39
C ARG E 129 8.47 -5.08 -6.17
N ILE E 130 9.06 -5.69 -7.19
CA ILE E 130 10.40 -6.23 -7.04
C ILE E 130 11.47 -5.13 -7.21
N LEU E 131 11.19 -4.13 -8.09
CA LEU E 131 12.13 -3.04 -8.37
C LEU E 131 12.00 -1.80 -7.50
N GLY E 132 10.82 -1.66 -6.88
CA GLY E 132 10.46 -0.59 -5.95
C GLY E 132 11.38 -0.27 -4.73
N PRO E 133 11.94 -1.27 -3.99
CA PRO E 133 12.92 -1.10 -2.89
C PRO E 133 14.26 -0.56 -3.34
N ARG E 134 14.66 -0.85 -4.56
CA ARG E 134 15.98 -0.39 -4.99
C ARG E 134 15.93 0.90 -5.74
N GLY E 135 14.67 1.34 -5.98
CA GLY E 135 14.37 2.56 -6.68
C GLY E 135 14.75 2.40 -8.13
N LEU E 136 14.61 1.17 -8.62
CA LEU E 136 14.97 0.81 -9.99
C LEU E 136 13.88 1.09 -11.01
N LEU E 137 12.65 1.31 -10.56
CA LEU E 137 11.55 1.42 -11.50
C LEU E 137 11.61 2.68 -12.38
N PRO E 138 11.55 2.50 -13.71
CA PRO E 138 11.58 3.62 -14.67
C PRO E 138 10.43 4.61 -14.47
N ASN E 139 10.76 5.90 -14.49
CA ASN E 139 9.79 6.97 -14.29
C ASN E 139 10.03 8.18 -15.21
N PRO E 140 8.95 8.85 -15.64
CA PRO E 140 8.97 10.02 -16.52
C PRO E 140 9.66 11.27 -15.95
N LYS E 141 9.38 11.59 -14.69
CA LYS E 141 9.96 12.75 -14.03
C LYS E 141 11.36 12.42 -13.51
N ALA E 142 11.72 11.14 -13.61
CA ALA E 142 13.03 10.66 -13.17
C ALA E 142 14.00 10.73 -14.35
N GLY E 143 13.43 10.77 -15.55
CA GLY E 143 14.24 10.84 -16.74
C GLY E 143 14.68 9.44 -17.09
N THR E 144 13.84 8.46 -16.74
CA THR E 144 14.15 7.07 -17.03
C THR E 144 13.22 6.44 -18.04
N VAL E 145 12.32 7.24 -18.49
CA VAL E 145 11.28 6.86 -19.37
C VAL E 145 11.18 7.87 -20.49
N GLY E 146 11.44 7.47 -21.72
CA GLY E 146 11.33 8.43 -22.82
C GLY E 146 11.52 7.69 -24.12
N PHE E 147 10.98 8.21 -25.23
CA PHE E 147 11.14 7.55 -26.51
C PHE E 147 12.56 7.82 -27.03
N ASN E 148 13.15 8.88 -26.52
CA ASN E 148 14.49 9.27 -26.87
C ASN E 148 15.42 8.45 -25.99
N ILE E 149 15.08 7.21 -25.86
CA ILE E 149 15.79 6.28 -25.02
C ILE E 149 17.33 6.27 -25.22
N GLY E 150 17.82 6.55 -26.42
CA GLY E 150 19.24 6.49 -26.64
C GLY E 150 19.87 7.73 -26.06
N GLU E 151 19.13 8.80 -26.18
CA GLU E 151 19.68 10.02 -25.57
C GLU E 151 19.68 9.88 -24.04
N ILE E 152 18.62 9.30 -23.47
CA ILE E 152 18.54 9.11 -22.03
C ILE E 152 19.68 8.21 -21.57
N ILE E 153 19.86 7.08 -22.28
CA ILE E 153 20.92 6.12 -21.96
C ILE E 153 22.30 6.77 -22.14
N ARG E 154 22.47 7.52 -23.23
CA ARG E 154 23.72 8.20 -23.50
C ARG E 154 24.10 9.03 -22.29
N GLU E 155 23.15 9.86 -21.84
CA GLU E 155 23.28 10.76 -20.67
C GLU E 155 23.68 10.14 -19.32
N ILE E 156 22.95 9.10 -18.91
CA ILE E 156 23.22 8.40 -17.65
C ILE E 156 24.70 7.97 -17.60
N LYS E 157 25.12 7.21 -18.61
CA LYS E 157 26.48 6.70 -18.74
C LYS E 157 27.51 7.85 -18.74
N ALA E 158 27.04 9.09 -18.89
CA ALA E 158 27.95 10.22 -18.92
C ALA E 158 28.07 10.86 -17.55
N GLY E 159 27.39 10.28 -16.58
CA GLY E 159 27.47 10.82 -15.23
C GLY E 159 26.33 11.77 -14.86
N ARG E 160 25.15 11.55 -15.44
CA ARG E 160 24.01 12.40 -15.12
C ARG E 160 23.40 11.87 -13.82
N ILE E 161 22.95 12.77 -12.94
CA ILE E 161 22.37 12.36 -11.67
C ILE E 161 20.93 12.84 -11.50
N GLU E 162 20.23 12.21 -10.56
CA GLU E 162 18.84 12.57 -10.26
C GLU E 162 18.82 13.19 -8.89
N PHE E 163 17.77 13.93 -8.61
CA PHE E 163 17.64 14.52 -7.30
C PHE E 163 16.19 14.89 -7.07
N ARG E 164 15.67 14.48 -5.91
CA ARG E 164 14.30 14.78 -5.54
C ARG E 164 14.32 15.00 -4.04
N ASN E 165 13.78 16.12 -3.58
CA ASN E 165 13.73 16.36 -2.14
C ASN E 165 12.98 15.24 -1.46
N ASP E 166 13.31 15.00 -0.19
CA ASP E 166 12.60 13.97 0.53
C ASP E 166 11.47 14.60 1.35
N LYS E 167 10.60 13.75 1.87
CA LYS E 167 9.47 14.20 2.67
C LYS E 167 9.80 15.08 3.85
N THR E 168 11.08 15.30 4.15
CA THR E 168 11.45 16.15 5.28
C THR E 168 11.98 17.48 4.79
N GLY E 169 12.02 17.64 3.47
CA GLY E 169 12.49 18.87 2.89
C GLY E 169 14.00 18.92 2.75
N ALA E 170 14.61 17.75 2.63
CA ALA E 170 16.04 17.69 2.45
C ALA E 170 16.29 16.96 1.13
N ILE E 171 17.42 17.25 0.50
CA ILE E 171 17.74 16.63 -0.78
C ILE E 171 19.22 16.25 -0.84
N HIS E 172 19.50 15.10 -1.44
CA HIS E 172 20.86 14.56 -1.43
C HIS E 172 21.22 13.97 -2.77
N ALA E 173 22.52 13.98 -3.06
CA ALA E 173 22.99 13.42 -4.32
C ALA E 173 24.49 13.22 -4.30
N PRO E 174 24.99 12.21 -5.01
CA PRO E 174 26.44 11.93 -5.07
C PRO E 174 27.04 12.88 -6.14
N VAL E 175 28.24 13.39 -5.91
CA VAL E 175 28.83 14.32 -6.87
C VAL E 175 30.23 13.93 -7.37
N GLY E 176 30.63 12.69 -7.10
CA GLY E 176 31.95 12.24 -7.52
C GLY E 176 32.51 11.16 -6.60
N LYS E 177 33.82 10.93 -6.69
CA LYS E 177 34.51 9.92 -5.89
C LYS E 177 35.61 10.61 -5.12
N ALA E 178 35.98 10.04 -3.97
CA ALA E 178 37.04 10.62 -3.13
C ALA E 178 38.38 10.60 -3.85
N SER E 179 38.49 9.81 -4.92
CA SER E 179 39.72 9.75 -5.68
C SER E 179 39.85 10.93 -6.64
N PHE E 180 38.72 11.52 -7.05
CA PHE E 180 38.69 12.68 -7.93
C PHE E 180 39.66 13.75 -7.45
N PRO E 181 40.17 14.59 -8.36
CA PRO E 181 41.09 15.67 -7.98
C PRO E 181 40.21 16.63 -7.17
N PRO E 182 40.77 17.31 -6.15
CA PRO E 182 40.04 18.31 -5.37
C PRO E 182 39.12 19.24 -6.12
N GLU E 183 39.66 19.90 -7.14
CA GLU E 183 38.89 20.83 -7.95
C GLU E 183 37.85 20.22 -8.91
N LYS E 184 38.10 19.05 -9.46
CA LYS E 184 37.08 18.37 -10.25
C LYS E 184 35.83 18.18 -9.39
N LEU E 185 36.02 17.71 -8.16
CA LEU E 185 34.91 17.50 -7.24
C LEU E 185 34.17 18.81 -7.08
N ALA E 186 34.94 19.88 -6.87
CA ALA E 186 34.40 21.21 -6.70
C ALA E 186 33.56 21.67 -7.87
N ASP E 187 34.03 21.43 -9.09
CA ASP E 187 33.23 21.78 -10.26
C ASP E 187 31.92 21.03 -10.21
N ASN E 188 32.01 19.77 -9.80
CA ASN E 188 30.84 18.90 -9.66
C ASN E 188 29.89 19.35 -8.55
N ILE E 189 30.46 19.86 -7.46
CA ILE E 189 29.66 20.33 -6.33
C ILE E 189 28.88 21.60 -6.65
N ARG E 190 29.48 22.51 -7.40
CA ARG E 190 28.79 23.74 -7.78
C ARG E 190 27.69 23.42 -8.80
N ALA E 191 27.96 22.44 -9.66
CA ALA E 191 27.01 22.01 -10.69
C ALA E 191 25.70 21.57 -10.07
N PHE E 192 25.77 20.67 -9.10
CA PHE E 192 24.58 20.16 -8.44
C PHE E 192 23.84 21.29 -7.73
N ILE E 193 24.58 22.12 -7.01
CA ILE E 193 24.00 23.24 -6.30
C ILE E 193 23.25 24.15 -7.30
N ARG E 194 23.88 24.47 -8.42
CA ARG E 194 23.18 25.30 -9.38
C ARG E 194 21.93 24.59 -9.92
N ALA E 195 21.97 23.27 -10.07
CA ALA E 195 20.80 22.54 -10.54
C ALA E 195 19.62 22.76 -9.59
N LEU E 196 19.91 22.67 -8.29
CA LEU E 196 18.88 22.88 -7.28
C LEU E 196 18.24 24.25 -7.37
N GLU E 197 19.07 25.30 -7.48
CA GLU E 197 18.55 26.66 -7.56
C GLU E 197 17.71 26.92 -8.80
N ALA E 198 18.04 26.25 -9.91
CA ALA E 198 17.27 26.43 -11.14
C ALA E 198 15.95 25.69 -11.02
N HIS E 199 15.75 25.05 -9.87
CA HIS E 199 14.52 24.32 -9.60
C HIS E 199 13.82 24.86 -8.35
N LYS E 200 14.15 26.09 -7.96
CA LYS E 200 13.50 26.67 -6.79
C LYS E 200 12.04 26.84 -7.20
N PRO E 201 11.10 26.35 -6.40
CA PRO E 201 9.68 26.51 -6.76
C PRO E 201 9.20 27.95 -6.77
N GLU E 202 8.11 28.20 -7.48
CA GLU E 202 7.52 29.53 -7.55
C GLU E 202 7.10 29.98 -6.16
N GLY E 203 6.11 29.27 -5.60
CA GLY E 203 5.57 29.58 -4.29
C GLY E 203 6.47 29.25 -3.11
N ALA E 204 7.68 28.84 -3.40
CA ALA E 204 8.64 28.51 -2.35
C ALA E 204 8.82 29.73 -1.45
N LYS E 205 8.81 29.49 -0.14
CA LYS E 205 8.95 30.57 0.80
C LYS E 205 10.24 30.57 1.60
N GLY E 206 10.86 31.75 1.66
CA GLY E 206 12.09 31.92 2.41
C GLY E 206 13.35 31.45 1.74
N THR E 207 14.44 31.43 2.51
CA THR E 207 15.73 30.99 2.00
C THR E 207 15.68 29.57 1.51
N PHE E 208 15.96 29.42 0.22
CA PHE E 208 15.94 28.14 -0.45
C PHE E 208 16.92 27.12 0.11
N LEU E 209 18.21 27.36 -0.08
CA LEU E 209 19.23 26.44 0.43
C LEU E 209 19.54 26.79 1.88
N ARG E 210 18.68 26.35 2.81
CA ARG E 210 18.88 26.65 4.23
C ARG E 210 20.26 26.23 4.72
N SER E 211 20.79 25.17 4.14
CA SER E 211 22.11 24.67 4.51
C SER E 211 22.49 23.66 3.42
N VAL E 212 23.79 23.47 3.28
CA VAL E 212 24.32 22.58 2.29
C VAL E 212 25.57 21.93 2.85
N TYR E 213 25.70 20.62 2.66
CA TYR E 213 26.87 19.94 3.19
C TYR E 213 27.63 19.10 2.19
N VAL E 214 28.83 18.71 2.59
CA VAL E 214 29.70 17.86 1.78
C VAL E 214 30.15 16.74 2.70
N THR E 215 30.21 15.53 2.16
CA THR E 215 30.63 14.39 2.95
C THR E 215 31.00 13.25 1.99
N THR E 216 31.38 12.11 2.53
CA THR E 216 31.75 10.94 1.74
C THR E 216 30.83 9.85 2.23
N THR E 217 30.93 8.65 1.65
CA THR E 217 30.23 7.48 2.14
C THR E 217 30.33 7.16 3.64
N MSE E 218 31.55 7.13 4.18
CA MSE E 218 31.72 6.76 5.59
C MSE E 218 32.31 7.83 6.47
O MSE E 218 32.52 7.60 7.67
CB MSE E 218 32.60 5.52 5.69
CG MSE E 218 32.19 4.37 4.80
SE MSE E 218 30.49 3.67 5.31
CE MSE E 218 30.23 2.33 3.92
N GLY E 219 32.64 8.98 5.90
CA GLY E 219 33.22 10.03 6.71
C GLY E 219 32.17 10.93 7.30
N PRO E 220 32.57 11.94 8.08
CA PRO E 220 31.67 12.91 8.72
C PRO E 220 31.21 13.96 7.71
N SER E 221 30.88 15.16 8.16
CA SER E 221 30.43 16.16 7.20
C SER E 221 30.99 17.54 7.43
N VAL E 222 30.93 18.37 6.39
CA VAL E 222 31.38 19.74 6.49
C VAL E 222 30.37 20.68 5.82
N ARG E 223 29.88 21.65 6.56
CA ARG E 223 28.93 22.61 6.03
C ARG E 223 29.67 23.57 5.11
N ILE E 224 29.11 23.85 3.94
CA ILE E 224 29.76 24.76 3.01
C ILE E 224 28.93 25.97 2.65
N ASN E 225 29.57 26.92 1.97
CA ASN E 225 28.91 28.11 1.47
C ASN E 225 28.56 27.71 0.05
N PRO E 226 27.26 27.64 -0.26
CA PRO E 226 26.79 27.27 -1.60
C PRO E 226 27.35 28.17 -2.70
N HIS E 227 27.73 29.40 -2.36
CA HIS E 227 28.27 30.30 -3.35
C HIS E 227 29.75 30.55 -3.18
N SER E 228 30.52 29.51 -3.52
CA SER E 228 31.98 29.53 -3.47
C SER E 228 32.34 28.81 -4.78
N PRO F 1 25.48 -44.29 6.77
CA PRO F 1 26.16 -44.80 7.99
C PRO F 1 25.63 -46.18 8.42
N LYS F 2 26.01 -46.60 9.63
CA LYS F 2 25.58 -47.87 10.21
C LYS F 2 24.47 -47.51 11.20
N HIS F 3 23.46 -48.35 11.30
CA HIS F 3 22.37 -48.07 12.23
C HIS F 3 22.12 -49.23 13.18
N GLY F 4 21.41 -48.96 14.28
CA GLY F 4 21.10 -49.99 15.25
C GLY F 4 19.74 -50.60 14.98
N LYS F 5 19.46 -51.76 15.58
CA LYS F 5 18.19 -52.42 15.37
C LYS F 5 16.97 -51.53 15.64
N ARG F 6 17.08 -50.59 16.59
CA ARG F 6 15.95 -49.69 16.95
C ARG F 6 15.43 -48.82 15.83
N TYR F 7 16.35 -48.35 15.00
CA TYR F 7 16.04 -47.52 13.83
C TYR F 7 15.92 -48.41 12.58
N ARG F 8 16.72 -49.47 12.53
CA ARG F 8 16.65 -50.42 11.42
C ARG F 8 15.24 -50.93 11.29
N ALA F 9 14.56 -51.01 12.42
CA ALA F 9 13.16 -51.46 12.47
C ALA F 9 12.21 -50.32 12.10
N LEU F 10 12.50 -49.10 12.56
CA LEU F 10 11.69 -47.91 12.24
C LEU F 10 11.71 -47.71 10.73
N LEU F 11 12.84 -48.07 10.12
CA LEU F 11 13.06 -47.95 8.69
C LEU F 11 11.98 -48.71 7.94
N GLU F 12 11.63 -49.87 8.49
CA GLU F 12 10.60 -50.74 7.92
C GLU F 12 9.19 -50.13 7.92
N LYS F 13 8.94 -49.17 8.81
CA LYS F 13 7.61 -48.53 8.93
C LYS F 13 7.37 -47.42 7.93
N VAL F 14 8.37 -47.14 7.09
CA VAL F 14 8.12 -46.05 6.17
C VAL F 14 8.37 -46.47 4.68
N ASP F 15 7.63 -45.81 3.77
CA ASP F 15 7.71 -45.96 2.29
C ASP F 15 8.59 -44.87 1.67
N PRO F 16 9.85 -45.21 1.37
CA PRO F 16 10.78 -44.22 0.80
C PRO F 16 10.30 -43.59 -0.50
N ASN F 17 9.35 -44.22 -1.17
CA ASN F 17 8.86 -43.70 -2.44
C ASN F 17 7.44 -43.19 -2.42
N LYS F 18 7.03 -42.65 -1.30
CA LYS F 18 5.67 -42.12 -1.19
C LYS F 18 5.76 -40.70 -0.71
N ILE F 19 4.73 -39.92 -1.03
CA ILE F 19 4.64 -38.55 -0.59
C ILE F 19 3.43 -38.55 0.35
N TYR F 20 3.67 -38.67 1.66
CA TYR F 20 2.58 -38.73 2.64
C TYR F 20 1.82 -37.44 2.75
N THR F 21 0.72 -37.50 3.49
CA THR F 21 -0.09 -36.33 3.72
C THR F 21 0.33 -35.79 5.06
N ILE F 22 0.05 -34.51 5.29
CA ILE F 22 0.40 -33.91 6.56
C ILE F 22 -0.39 -34.53 7.70
N ASP F 23 -1.32 -35.41 7.34
CA ASP F 23 -2.15 -36.11 8.31
C ASP F 23 -1.51 -37.47 8.43
N GLU F 24 -1.21 -38.04 7.26
CA GLU F 24 -0.57 -39.32 7.12
C GLU F 24 0.72 -39.31 7.94
N ALA F 25 1.54 -38.30 7.68
CA ALA F 25 2.80 -38.17 8.38
C ALA F 25 2.65 -37.83 9.88
N ALA F 26 1.58 -37.15 10.27
CA ALA F 26 1.37 -36.77 11.67
C ALA F 26 0.92 -37.97 12.48
N HIS F 27 0.18 -38.87 11.84
CA HIS F 27 -0.29 -40.06 12.52
C HIS F 27 0.80 -41.11 12.56
N LEU F 28 1.84 -40.93 11.75
CA LEU F 28 2.95 -41.86 11.70
C LEU F 28 4.07 -41.52 12.71
N VAL F 29 4.07 -40.27 13.18
CA VAL F 29 5.04 -39.77 14.17
C VAL F 29 5.18 -40.72 15.33
N LYS F 30 4.06 -40.92 16.03
CA LYS F 30 3.94 -41.79 17.19
C LYS F 30 4.80 -43.06 17.11
N GLU F 31 4.70 -43.80 16.00
CA GLU F 31 5.43 -45.03 15.82
C GLU F 31 6.90 -44.94 15.36
N LEU F 32 7.35 -43.78 14.94
CA LEU F 32 8.73 -43.61 14.48
C LEU F 32 9.67 -42.99 15.52
N ALA F 33 9.14 -42.66 16.69
CA ALA F 33 9.93 -42.08 17.75
C ALA F 33 10.13 -43.11 18.86
N THR F 34 10.96 -44.11 18.61
CA THR F 34 11.18 -45.16 19.60
C THR F 34 12.34 -44.90 20.54
N ALA F 35 12.79 -43.65 20.59
CA ALA F 35 13.91 -43.26 21.44
C ALA F 35 13.45 -43.16 22.86
N LYS F 36 14.34 -43.53 23.78
CA LYS F 36 14.09 -43.43 25.20
C LYS F 36 13.94 -42.02 25.76
N PHE F 37 13.17 -41.19 25.07
CA PHE F 37 12.87 -39.84 25.53
C PHE F 37 11.78 -39.28 24.64
N ASP F 38 11.28 -38.10 24.97
CA ASP F 38 10.22 -37.49 24.17
C ASP F 38 10.86 -36.81 22.95
N GLU F 39 11.02 -37.59 21.88
CA GLU F 39 11.64 -37.05 20.66
C GLU F 39 10.92 -35.79 20.20
N THR F 40 11.57 -35.01 19.35
CA THR F 40 11.01 -33.80 18.83
C THR F 40 10.68 -34.07 17.38
N VAL F 41 9.57 -33.48 16.96
CA VAL F 41 9.00 -33.42 15.68
C VAL F 41 9.67 -32.26 14.94
N GLU F 42 9.93 -32.42 13.62
CA GLU F 42 10.55 -31.34 12.89
C GLU F 42 10.32 -31.48 11.39
N VAL F 43 10.42 -30.37 10.68
CA VAL F 43 10.24 -30.35 9.25
C VAL F 43 11.48 -29.80 8.55
N HIS F 44 11.83 -30.44 7.45
CA HIS F 44 13.01 -30.08 6.65
C HIS F 44 12.55 -29.75 5.25
N ALA F 45 13.16 -28.75 4.62
CA ALA F 45 12.75 -28.40 3.27
C ALA F 45 13.82 -27.76 2.38
N LYS F 46 13.95 -28.27 1.17
CA LYS F 46 14.89 -27.71 0.22
C LYS F 46 14.09 -26.60 -0.46
N LEU F 47 14.61 -25.38 -0.37
CA LEU F 47 13.96 -24.21 -0.95
C LEU F 47 14.54 -23.76 -2.27
N GLY F 48 13.66 -23.25 -3.13
CA GLY F 48 14.11 -22.75 -4.41
C GLY F 48 14.59 -21.33 -4.21
N ILE F 49 15.83 -21.19 -3.74
CA ILE F 49 16.42 -19.88 -3.52
C ILE F 49 17.90 -20.05 -3.79
N ASP F 50 18.58 -18.99 -4.20
CA ASP F 50 20.03 -19.08 -4.44
C ASP F 50 20.56 -18.54 -3.12
N PRO F 51 21.08 -19.44 -2.26
CA PRO F 51 21.61 -19.06 -0.94
C PRO F 51 22.76 -18.04 -0.88
N ARG F 52 23.45 -17.82 -2.00
CA ARG F 52 24.55 -16.86 -2.03
C ARG F 52 24.01 -15.45 -2.24
N ARG F 53 22.72 -15.36 -2.56
CA ARG F 53 22.06 -14.08 -2.78
C ARG F 53 21.35 -13.60 -1.52
N SER F 54 21.97 -12.66 -0.83
CA SER F 54 21.44 -12.11 0.41
C SER F 54 19.96 -11.72 0.36
N ASP F 55 19.44 -11.43 -0.83
CA ASP F 55 18.04 -11.04 -0.96
C ASP F 55 17.08 -12.22 -1.09
N GLN F 56 17.62 -13.41 -1.32
CA GLN F 56 16.80 -14.62 -1.46
C GLN F 56 17.00 -15.54 -0.26
N ASN F 57 17.21 -14.89 0.89
CA ASN F 57 17.40 -15.58 2.14
C ASN F 57 16.02 -15.72 2.74
N VAL F 58 15.71 -16.90 3.27
CA VAL F 58 14.41 -17.11 3.88
C VAL F 58 14.66 -17.03 5.38
N ARG F 59 14.03 -16.10 6.07
CA ARG F 59 14.30 -15.99 7.49
C ARG F 59 13.33 -15.17 8.31
N GLY F 60 12.79 -15.78 9.37
CA GLY F 60 11.84 -15.09 10.23
C GLY F 60 11.39 -15.99 11.36
N THR F 61 10.27 -15.65 12.01
CA THR F 61 9.78 -16.47 13.11
C THR F 61 8.26 -16.59 13.04
N VAL F 62 7.76 -17.82 13.15
CA VAL F 62 6.33 -18.11 13.11
C VAL F 62 5.92 -18.61 14.49
N SER F 63 4.73 -18.21 14.95
CA SER F 63 4.25 -18.68 16.26
C SER F 63 3.32 -19.88 15.97
N LEU F 64 3.56 -20.99 16.65
CA LEU F 64 2.76 -22.18 16.40
C LEU F 64 1.51 -22.32 17.25
N PRO F 65 0.45 -22.88 16.66
CA PRO F 65 -0.84 -23.10 17.33
C PRO F 65 -0.75 -23.76 18.69
N HIS F 66 0.02 -24.86 18.76
CA HIS F 66 0.17 -25.66 19.98
C HIS F 66 1.57 -25.67 20.62
N GLY F 67 2.32 -24.58 20.49
CA GLY F 67 3.65 -24.53 21.08
C GLY F 67 4.51 -25.72 20.68
N LEU F 68 5.67 -25.82 21.32
CA LEU F 68 6.64 -26.88 21.06
C LEU F 68 6.64 -27.95 22.13
N GLY F 69 6.04 -27.63 23.28
CA GLY F 69 6.01 -28.58 24.37
C GLY F 69 7.37 -28.46 25.01
N LYS F 70 7.75 -27.22 25.27
CA LYS F 70 9.03 -26.92 25.88
C LYS F 70 8.82 -25.71 26.80
N GLN F 71 9.90 -25.24 27.41
CA GLN F 71 9.84 -24.10 28.31
C GLN F 71 11.07 -23.25 28.01
N VAL F 72 10.86 -22.00 27.64
CA VAL F 72 12.01 -21.15 27.33
C VAL F 72 12.24 -20.07 28.38
N ARG F 73 13.48 -20.00 28.86
CA ARG F 73 13.84 -19.01 29.87
C ARG F 73 14.18 -17.72 29.14
N VAL F 74 13.17 -16.92 28.87
CA VAL F 74 13.38 -15.68 28.17
C VAL F 74 14.01 -14.61 29.03
N LEU F 75 15.05 -13.97 28.48
CA LEU F 75 15.74 -12.89 29.14
C LEU F 75 15.41 -11.66 28.30
N ALA F 76 15.06 -10.56 28.94
CA ALA F 76 14.73 -9.35 28.20
C ALA F 76 15.57 -8.19 28.68
N ILE F 77 16.09 -7.42 27.73
CA ILE F 77 16.93 -6.26 28.09
C ILE F 77 16.41 -4.96 27.50
N ALA F 78 15.44 -4.40 28.21
CA ALA F 78 14.82 -3.13 27.84
C ALA F 78 15.34 -2.09 28.84
N LYS F 79 14.59 -1.00 28.97
CA LYS F 79 14.95 0.05 29.91
C LYS F 79 13.82 1.05 29.95
N GLY F 80 13.86 1.94 30.95
CA GLY F 80 12.81 2.92 31.09
C GLY F 80 11.59 2.23 31.67
N GLU F 81 10.46 2.37 31.00
CA GLU F 81 9.24 1.74 31.46
C GLU F 81 8.80 0.62 30.52
N LYS F 82 9.78 0.11 29.79
CA LYS F 82 9.56 -0.98 28.87
C LYS F 82 9.96 -2.23 29.63
N ILE F 83 10.84 -2.05 30.62
CA ILE F 83 11.24 -3.12 31.55
C ILE F 83 10.04 -3.57 32.33
N LYS F 84 9.38 -2.58 32.93
CA LYS F 84 8.21 -2.78 33.76
C LYS F 84 7.07 -3.38 32.93
N GLU F 85 7.28 -3.47 31.63
CA GLU F 85 6.30 -4.04 30.71
C GLU F 85 6.80 -5.39 30.23
N ALA F 86 8.09 -5.60 30.46
CA ALA F 86 8.76 -6.83 30.08
C ALA F 86 8.43 -7.91 31.08
N GLU F 87 8.67 -7.60 32.36
CA GLU F 87 8.40 -8.55 33.43
C GLU F 87 6.93 -8.81 33.54
N GLU F 88 6.12 -7.77 33.32
CA GLU F 88 4.67 -7.93 33.40
C GLU F 88 4.14 -8.60 32.12
N ALA F 89 5.00 -9.36 31.46
CA ALA F 89 4.62 -10.07 30.24
C ALA F 89 5.03 -11.53 30.38
N GLY F 90 5.83 -11.82 31.40
CA GLY F 90 6.26 -13.17 31.64
C GLY F 90 7.72 -13.44 31.32
N ALA F 91 8.51 -12.40 31.09
CA ALA F 91 9.95 -12.57 30.94
C ALA F 91 10.44 -13.27 32.20
N ASP F 92 11.33 -14.24 32.02
CA ASP F 92 11.90 -15.01 33.12
C ASP F 92 12.95 -14.17 33.83
N TYR F 93 13.54 -13.27 33.08
CA TYR F 93 14.53 -12.36 33.61
C TYR F 93 14.59 -11.07 32.81
N VAL F 94 14.72 -10.01 33.55
CA VAL F 94 14.67 -8.69 32.93
C VAL F 94 15.68 -7.73 33.59
N GLY F 95 16.32 -6.86 32.81
CA GLY F 95 17.23 -5.83 33.28
C GLY F 95 17.55 -4.82 32.17
N GLY F 96 18.57 -3.97 32.38
CA GLY F 96 19.01 -2.99 31.40
C GLY F 96 20.44 -3.30 31.06
N GLU F 97 21.32 -2.28 31.02
CA GLU F 97 22.75 -2.47 30.74
C GLU F 97 23.40 -3.24 31.88
N GLU F 98 22.67 -3.32 33.00
CA GLU F 98 23.12 -4.01 34.20
C GLU F 98 23.03 -5.53 34.05
N ILE F 99 21.94 -5.99 33.45
CA ILE F 99 21.72 -7.42 33.22
C ILE F 99 22.67 -7.93 32.13
N ILE F 100 23.48 -7.03 31.59
CA ILE F 100 24.45 -7.39 30.58
C ILE F 100 25.61 -7.94 31.38
N GLN F 101 25.96 -7.20 32.43
CA GLN F 101 27.06 -7.56 33.29
C GLN F 101 27.04 -9.03 33.72
N LYS F 102 25.92 -9.45 34.30
CA LYS F 102 25.80 -10.84 34.77
C LYS F 102 26.01 -11.91 33.71
N ILE F 103 25.84 -11.55 32.43
CA ILE F 103 26.04 -12.50 31.34
C ILE F 103 27.52 -12.53 31.03
N LEU F 104 28.17 -11.40 31.29
CA LEU F 104 29.60 -11.22 31.10
C LEU F 104 30.37 -11.99 32.17
N ASP F 105 29.88 -11.91 33.42
CA ASP F 105 30.52 -12.59 34.54
C ASP F 105 30.45 -14.13 34.41
N GLY F 106 29.65 -14.61 33.46
CA GLY F 106 29.54 -16.04 33.25
C GLY F 106 28.13 -16.62 33.17
N TRP F 107 27.16 -16.02 33.85
CA TRP F 107 25.78 -16.52 33.83
C TRP F 107 25.32 -16.77 32.41
N MSE F 108 25.07 -18.03 32.10
CA MSE F 108 24.65 -18.38 30.76
C MSE F 108 23.36 -19.19 30.77
O MSE F 108 23.06 -19.94 29.84
CB MSE F 108 25.78 -19.19 30.09
CG MSE F 108 26.15 -18.73 28.67
SE MSE F 108 26.35 -16.78 28.44
CE MSE F 108 28.13 -16.55 29.23
N ASP F 109 22.56 -18.99 31.81
CA ASP F 109 21.33 -19.75 31.92
C ASP F 109 20.03 -19.01 31.62
N PHE F 110 19.59 -19.27 30.40
CA PHE F 110 18.35 -18.77 29.82
C PHE F 110 18.36 -19.41 28.44
N ASP F 111 17.21 -19.43 27.80
CA ASP F 111 17.09 -20.06 26.50
C ASP F 111 16.91 -19.07 25.34
N ALA F 112 16.46 -17.85 25.65
CA ALA F 112 16.25 -16.85 24.63
C ALA F 112 16.55 -15.45 25.15
N VAL F 113 16.85 -14.55 24.22
CA VAL F 113 17.14 -13.16 24.57
C VAL F 113 16.53 -12.17 23.57
N VAL F 114 15.76 -11.22 24.10
CA VAL F 114 15.10 -10.21 23.30
C VAL F 114 15.34 -8.82 23.91
N ALA F 115 15.30 -7.78 23.07
CA ALA F 115 15.54 -6.44 23.53
C ALA F 115 14.98 -5.31 22.68
N THR F 116 15.07 -4.10 23.23
CA THR F 116 14.61 -2.89 22.56
C THR F 116 15.79 -2.26 21.80
N PRO F 117 15.50 -1.67 20.64
CA PRO F 117 16.53 -1.02 19.82
C PRO F 117 17.45 -0.11 20.63
N ASP F 118 16.88 0.68 21.54
CA ASP F 118 17.67 1.61 22.33
C ASP F 118 18.61 1.02 23.39
N VAL F 119 18.98 -0.24 23.23
CA VAL F 119 19.89 -0.89 24.17
C VAL F 119 20.86 -1.77 23.38
N MSE F 120 20.46 -2.06 22.15
CA MSE F 120 21.21 -2.90 21.24
C MSE F 120 22.63 -2.41 20.96
O MSE F 120 23.49 -3.18 20.52
CB MSE F 120 20.45 -3.01 19.93
CG MSE F 120 20.65 -4.32 19.26
SE MSE F 120 20.27 -5.71 20.53
CE MSE F 120 18.39 -5.29 20.80
N GLY F 121 22.88 -1.13 21.19
CA GLY F 121 24.21 -0.61 20.96
C GLY F 121 25.16 -1.29 21.91
N ALA F 122 24.68 -1.48 23.14
CA ALA F 122 25.45 -2.12 24.20
C ALA F 122 25.05 -3.57 24.38
N VAL F 123 24.55 -4.21 23.33
CA VAL F 123 24.14 -5.62 23.36
C VAL F 123 24.72 -6.25 22.12
N GLY F 124 24.91 -5.48 21.10
CA GLY F 124 25.61 -6.02 19.93
C GLY F 124 27.09 -5.93 20.23
N SER F 125 27.43 -4.87 20.96
CA SER F 125 28.80 -4.51 21.39
C SER F 125 29.37 -5.50 22.43
N LYS F 126 28.73 -5.62 23.58
CA LYS F 126 29.21 -6.51 24.63
C LYS F 126 28.93 -8.01 24.48
N LEU F 127 27.67 -8.37 24.26
CA LEU F 127 27.31 -9.77 24.11
C LEU F 127 27.51 -10.29 22.69
N GLY F 128 28.08 -9.45 21.83
CA GLY F 128 28.34 -9.87 20.47
C GLY F 128 29.08 -11.19 20.35
N ARG F 129 30.13 -11.33 21.16
CA ARG F 129 30.96 -12.55 21.17
C ARG F 129 30.41 -13.70 22.02
N ILE F 130 29.66 -13.36 23.06
CA ILE F 130 29.06 -14.32 23.98
C ILE F 130 27.94 -15.15 23.38
N LEU F 131 26.84 -14.47 23.06
CA LEU F 131 25.65 -15.10 22.50
C LEU F 131 25.63 -15.15 20.98
N GLY F 132 26.37 -14.25 20.36
CA GLY F 132 26.48 -14.20 18.92
C GLY F 132 26.77 -15.51 18.23
N PRO F 133 27.83 -16.22 18.67
CA PRO F 133 28.14 -17.53 18.11
C PRO F 133 27.23 -18.62 18.65
N ARG F 134 26.73 -18.43 19.87
CA ARG F 134 25.82 -19.42 20.45
C ARG F 134 24.40 -19.16 19.93
N GLY F 135 24.32 -18.36 18.86
CA GLY F 135 23.04 -18.04 18.23
C GLY F 135 21.98 -17.35 19.06
N LEU F 136 22.36 -16.66 20.13
CA LEU F 136 21.37 -16.00 20.97
C LEU F 136 21.40 -14.49 20.95
N LEU F 137 22.08 -13.90 19.97
CA LEU F 137 22.14 -12.44 19.91
C LEU F 137 20.81 -11.88 19.38
N PRO F 138 20.27 -10.88 20.07
CA PRO F 138 19.01 -10.27 19.64
C PRO F 138 19.19 -9.64 18.26
N ASN F 139 18.34 -10.07 17.33
CA ASN F 139 18.41 -9.57 15.98
C ASN F 139 17.01 -9.35 15.48
N PRO F 140 16.78 -8.27 14.75
CA PRO F 140 15.44 -8.03 14.25
C PRO F 140 15.01 -9.08 13.24
N LYS F 141 15.94 -9.58 12.43
CA LYS F 141 15.57 -10.60 11.45
C LYS F 141 15.17 -11.85 12.19
N ALA F 142 15.57 -11.94 13.46
CA ALA F 142 15.25 -13.09 14.30
C ALA F 142 14.03 -12.82 15.19
N GLY F 143 13.43 -11.64 15.06
CA GLY F 143 12.28 -11.31 15.86
C GLY F 143 12.60 -11.15 17.34
N THR F 144 13.87 -10.98 17.68
CA THR F 144 14.25 -10.82 19.08
C THR F 144 14.57 -9.40 19.47
N VAL F 145 14.21 -8.45 18.60
CA VAL F 145 14.46 -7.02 18.84
C VAL F 145 13.35 -6.09 18.48
N GLY F 146 13.11 -5.19 19.44
CA GLY F 146 12.10 -4.17 19.24
C GLY F 146 11.45 -3.53 20.49
N PHE F 147 10.55 -2.59 20.18
CA PHE F 147 9.82 -1.89 21.18
C PHE F 147 8.49 -2.47 21.66
N ASN F 148 7.93 -3.44 20.96
CA ASN F 148 6.75 -4.12 21.45
C ASN F 148 7.36 -5.28 22.21
N ILE F 149 8.29 -4.93 23.08
CA ILE F 149 9.09 -5.85 23.87
C ILE F 149 8.27 -6.83 24.68
N GLY F 150 7.32 -6.28 25.41
CA GLY F 150 6.54 -7.13 26.25
C GLY F 150 5.80 -8.14 25.39
N GLU F 151 5.53 -7.76 24.17
CA GLU F 151 4.78 -8.58 23.27
C GLU F 151 5.52 -9.78 22.73
N ILE F 152 6.78 -9.54 22.35
CA ILE F 152 7.62 -10.59 21.76
C ILE F 152 7.77 -11.74 22.76
N ILE F 153 7.99 -11.36 24.02
CA ILE F 153 8.15 -12.30 25.13
C ILE F 153 6.95 -13.26 25.14
N ARG F 154 5.76 -12.67 25.28
CA ARG F 154 4.49 -13.38 25.29
C ARG F 154 4.41 -14.43 24.17
N GLU F 155 4.78 -14.01 22.96
CA GLU F 155 4.77 -14.89 21.80
C GLU F 155 5.79 -16.02 21.94
N ILE F 156 6.97 -15.68 22.45
CA ILE F 156 8.04 -16.63 22.63
C ILE F 156 7.70 -17.67 23.68
N LYS F 157 7.18 -17.21 24.81
CA LYS F 157 6.72 -18.13 25.84
C LYS F 157 5.74 -19.15 25.24
N ALA F 158 4.92 -18.71 24.30
CA ALA F 158 3.92 -19.57 23.66
C ALA F 158 4.47 -20.45 22.53
N GLY F 159 5.73 -20.79 22.63
CA GLY F 159 6.36 -21.64 21.62
C GLY F 159 6.56 -21.09 20.22
N ARG F 160 6.91 -19.81 20.08
CA ARG F 160 7.15 -19.25 18.74
C ARG F 160 8.54 -19.71 18.27
N ILE F 161 8.61 -20.21 17.04
CA ILE F 161 9.87 -20.70 16.48
C ILE F 161 10.45 -19.85 15.34
N GLU F 162 11.78 -19.83 15.25
CA GLU F 162 12.45 -19.09 14.20
C GLU F 162 13.06 -20.04 13.17
N PHE F 163 12.96 -19.68 11.90
CA PHE F 163 13.46 -20.52 10.83
C PHE F 163 14.39 -19.71 9.94
N ARG F 164 15.46 -20.35 9.46
CA ARG F 164 16.43 -19.69 8.60
C ARG F 164 17.16 -20.71 7.75
N ASN F 165 17.01 -20.60 6.44
CA ASN F 165 17.68 -21.54 5.54
C ASN F 165 19.17 -21.46 5.78
N ASP F 166 19.87 -22.56 5.53
CA ASP F 166 21.30 -22.60 5.76
C ASP F 166 22.01 -22.35 4.41
N LYS F 167 23.33 -22.22 4.46
CA LYS F 167 24.10 -21.92 3.27
C LYS F 167 23.86 -22.85 2.10
N THR F 168 23.13 -23.94 2.29
CA THR F 168 22.86 -24.86 1.18
C THR F 168 21.47 -24.63 0.62
N GLY F 169 20.69 -23.79 1.29
CA GLY F 169 19.35 -23.49 0.83
C GLY F 169 18.29 -24.45 1.33
N ALA F 170 18.48 -24.90 2.55
CA ALA F 170 17.58 -25.84 3.18
C ALA F 170 17.03 -25.19 4.44
N ILE F 171 15.94 -25.70 4.94
CA ILE F 171 15.47 -25.08 6.11
C ILE F 171 14.90 -26.11 7.06
N HIS F 172 15.21 -25.93 8.37
CA HIS F 172 14.86 -26.89 9.38
C HIS F 172 14.19 -26.27 10.60
N ALA F 173 13.17 -26.94 11.12
CA ALA F 173 12.47 -26.42 12.29
C ALA F 173 11.74 -27.49 13.05
N PRO F 174 11.73 -27.40 14.38
CA PRO F 174 11.03 -28.38 15.20
C PRO F 174 9.58 -27.92 15.24
N VAL F 175 8.64 -28.85 15.11
CA VAL F 175 7.23 -28.49 15.11
C VAL F 175 6.47 -29.05 16.32
N GLY F 176 7.18 -29.53 17.32
CA GLY F 176 6.54 -30.09 18.51
C GLY F 176 7.14 -31.42 18.97
N LYS F 177 6.52 -32.05 19.96
CA LYS F 177 6.98 -33.35 20.46
C LYS F 177 6.15 -34.49 19.86
N ALA F 178 6.68 -35.72 19.87
CA ALA F 178 6.00 -36.90 19.32
C ALA F 178 4.80 -37.31 20.17
N SER F 179 4.79 -36.87 21.43
CA SER F 179 3.68 -37.16 22.33
C SER F 179 2.66 -36.06 22.09
N PHE F 180 2.32 -35.86 20.82
CA PHE F 180 1.39 -34.83 20.41
C PHE F 180 0.27 -35.52 19.64
N PRO F 181 -1.00 -35.12 19.88
CA PRO F 181 -2.10 -35.70 19.09
C PRO F 181 -1.84 -35.40 17.61
N PRO F 182 -1.85 -36.41 16.73
CA PRO F 182 -1.57 -36.20 15.30
C PRO F 182 -2.08 -34.91 14.64
N GLU F 183 -3.35 -34.61 14.85
CA GLU F 183 -3.95 -33.41 14.28
C GLU F 183 -3.35 -32.11 14.82
N LYS F 184 -3.02 -32.10 16.11
CA LYS F 184 -2.43 -30.91 16.72
C LYS F 184 -0.98 -30.73 16.25
N LEU F 185 -0.43 -31.78 15.64
CA LEU F 185 0.93 -31.74 15.09
C LEU F 185 0.81 -31.15 13.69
N ALA F 186 -0.03 -31.77 12.86
CA ALA F 186 -0.25 -31.29 11.51
C ALA F 186 -0.56 -29.79 11.51
N ASP F 187 -1.23 -29.29 12.55
CA ASP F 187 -1.57 -27.87 12.67
C ASP F 187 -0.31 -27.02 12.77
N ASN F 188 0.68 -27.52 13.50
CA ASN F 188 1.94 -26.81 13.63
C ASN F 188 2.70 -26.93 12.30
N ILE F 189 2.58 -28.07 11.63
CA ILE F 189 3.24 -28.29 10.33
C ILE F 189 2.73 -27.34 9.23
N ARG F 190 1.41 -27.19 9.12
CA ARG F 190 0.85 -26.30 8.11
C ARG F 190 1.15 -24.85 8.48
N ALA F 191 1.04 -24.52 9.77
CA ALA F 191 1.32 -23.16 10.23
C ALA F 191 2.80 -22.80 10.03
N PHE F 192 3.58 -23.83 9.66
CA PHE F 192 5.00 -23.65 9.39
C PHE F 192 5.20 -23.61 7.89
N ILE F 193 4.49 -24.43 7.13
CA ILE F 193 4.63 -24.38 5.67
C ILE F 193 4.19 -22.95 5.31
N ARG F 194 3.10 -22.54 5.97
CA ARG F 194 2.45 -21.24 5.82
C ARG F 194 3.39 -20.06 6.10
N ALA F 195 4.40 -20.30 6.92
CA ALA F 195 5.37 -19.27 7.26
C ALA F 195 6.46 -19.24 6.19
N LEU F 196 6.85 -20.41 5.71
CA LEU F 196 7.87 -20.49 4.68
C LEU F 196 7.31 -19.87 3.41
N GLU F 197 6.11 -20.28 3.01
CA GLU F 197 5.47 -19.73 1.81
C GLU F 197 5.30 -18.21 2.00
N ALA F 198 5.18 -17.79 3.25
CA ALA F 198 5.01 -16.38 3.59
C ALA F 198 6.29 -15.58 3.40
N HIS F 199 7.44 -16.27 3.31
CA HIS F 199 8.73 -15.61 3.14
C HIS F 199 9.38 -15.85 1.79
N LYS F 200 8.57 -16.25 0.82
CA LYS F 200 9.05 -16.50 -0.55
C LYS F 200 9.56 -15.17 -1.09
N PRO F 201 10.87 -15.05 -1.32
CA PRO F 201 11.43 -13.80 -1.86
C PRO F 201 10.95 -13.45 -3.26
N GLU F 202 11.02 -12.16 -3.60
CA GLU F 202 10.57 -11.68 -4.90
C GLU F 202 11.31 -12.30 -6.08
N GLY F 203 12.62 -12.44 -5.95
CA GLY F 203 13.40 -13.00 -7.03
C GLY F 203 13.51 -14.49 -6.95
N ALA F 204 12.61 -15.07 -6.24
CA ALA F 204 12.79 -16.49 -6.14
C ALA F 204 12.31 -17.27 -7.34
N LYS F 205 13.28 -17.99 -7.92
CA LYS F 205 13.13 -18.73 -9.15
C LYS F 205 12.71 -20.19 -8.96
N GLY F 206 11.79 -20.65 -9.81
CA GLY F 206 11.30 -22.03 -9.77
C GLY F 206 10.49 -22.42 -8.54
N THR F 207 10.10 -23.69 -8.47
CA THR F 207 9.32 -24.20 -7.34
C THR F 207 10.03 -23.85 -6.03
N PHE F 208 9.27 -23.20 -5.13
CA PHE F 208 9.77 -22.76 -3.83
C PHE F 208 10.12 -23.90 -2.87
N LEU F 209 9.14 -24.75 -2.60
CA LEU F 209 9.35 -25.89 -1.70
C LEU F 209 9.52 -27.13 -2.57
N ARG F 210 10.74 -27.37 -3.04
CA ARG F 210 11.01 -28.52 -3.89
C ARG F 210 10.76 -29.87 -3.21
N SER F 211 10.89 -29.92 -1.89
CA SER F 211 10.66 -31.15 -1.14
C SER F 211 10.50 -30.84 0.34
N VAL F 212 9.56 -31.52 0.96
CA VAL F 212 9.30 -31.33 2.38
C VAL F 212 9.24 -32.69 3.10
N TYR F 213 9.98 -32.80 4.20
CA TYR F 213 10.01 -34.03 4.96
C TYR F 213 9.67 -33.83 6.43
N VAL F 214 9.18 -34.91 7.03
CA VAL F 214 8.84 -34.94 8.44
C VAL F 214 9.67 -35.99 9.13
N THR F 215 10.08 -35.65 10.32
CA THR F 215 10.83 -36.60 11.09
C THR F 215 10.78 -36.24 12.57
N THR F 216 11.45 -37.06 13.39
CA THR F 216 11.58 -36.88 14.81
C THR F 216 13.10 -36.77 15.09
N THR F 217 13.54 -36.41 16.29
CA THR F 217 14.96 -36.43 16.64
C THR F 217 15.74 -37.69 16.18
N MSE F 218 15.27 -38.89 16.49
CA MSE F 218 16.02 -40.07 16.09
C MSE F 218 15.41 -40.87 14.94
O MSE F 218 16.08 -41.68 14.31
CB MSE F 218 16.23 -41.01 17.27
CG MSE F 218 16.74 -40.33 18.52
SE MSE F 218 18.42 -39.37 18.24
CE MSE F 218 18.53 -38.47 19.98
N GLY F 219 14.13 -40.64 14.68
CA GLY F 219 13.47 -41.36 13.62
C GLY F 219 13.90 -40.97 12.23
N PRO F 220 13.61 -41.81 11.21
CA PRO F 220 13.96 -41.55 9.81
C PRO F 220 12.91 -40.59 9.24
N SER F 221 12.91 -40.39 7.94
CA SER F 221 11.97 -39.43 7.38
C SER F 221 10.91 -39.91 6.40
N VAL F 222 9.86 -39.10 6.31
CA VAL F 222 8.75 -39.32 5.39
C VAL F 222 8.62 -38.07 4.54
N ARG F 223 8.56 -38.26 3.21
CA ARG F 223 8.41 -37.17 2.23
C ARG F 223 6.93 -36.77 2.10
N ILE F 224 6.64 -35.48 2.03
CA ILE F 224 5.26 -35.02 1.87
C ILE F 224 5.03 -33.89 0.85
N ASN F 225 3.76 -33.56 0.66
CA ASN F 225 3.31 -32.48 -0.21
C ASN F 225 2.68 -31.47 0.72
N PRO F 226 3.20 -30.25 0.74
CA PRO F 226 2.74 -29.14 1.58
C PRO F 226 1.26 -28.79 1.41
N HIS F 227 0.70 -29.21 0.28
CA HIS F 227 -0.69 -28.92 -0.03
C HIS F 227 -1.56 -30.13 0.35
N SER F 228 -1.75 -30.34 1.64
CA SER F 228 -2.55 -31.44 2.15
C SER F 228 -2.78 -31.34 3.67
N PRO G 1 -35.70 -14.23 -8.95
CA PRO G 1 -35.97 -12.84 -8.49
C PRO G 1 -35.27 -11.77 -9.34
N LYS G 2 -36.02 -10.74 -9.73
CA LYS G 2 -35.47 -9.66 -10.55
C LYS G 2 -34.15 -9.12 -9.97
N HIS G 3 -33.06 -9.33 -10.69
CA HIS G 3 -31.74 -8.88 -10.26
C HIS G 3 -31.37 -7.57 -10.92
N GLY G 4 -30.66 -6.72 -10.18
CA GLY G 4 -30.22 -5.44 -10.73
C GLY G 4 -29.12 -5.76 -11.73
N LYS G 5 -29.22 -5.21 -12.94
CA LYS G 5 -28.25 -5.45 -14.01
C LYS G 5 -26.77 -5.57 -13.64
N ARG G 6 -26.35 -4.84 -12.61
CA ARG G 6 -24.98 -4.92 -12.09
C ARG G 6 -24.69 -6.38 -11.74
N TYR G 7 -25.73 -7.06 -11.26
CA TYR G 7 -25.65 -8.46 -10.89
C TYR G 7 -25.69 -9.30 -12.17
N ARG G 8 -26.51 -8.87 -13.13
CA ARG G 8 -26.65 -9.57 -14.40
C ARG G 8 -25.33 -9.63 -15.14
N ALA G 9 -24.42 -8.71 -14.84
CA ALA G 9 -23.10 -8.68 -15.46
C ALA G 9 -22.28 -9.85 -14.87
N LEU G 10 -22.15 -9.85 -13.55
CA LEU G 10 -21.42 -10.89 -12.82
C LEU G 10 -21.93 -12.27 -13.18
N LEU G 11 -23.18 -12.35 -13.63
CA LEU G 11 -23.79 -13.62 -14.00
C LEU G 11 -23.06 -14.38 -15.09
N GLU G 12 -22.47 -13.64 -16.03
CA GLU G 12 -21.76 -14.22 -17.15
C GLU G 12 -20.36 -14.73 -16.80
N LYS G 13 -19.68 -14.01 -15.91
CA LYS G 13 -18.34 -14.35 -15.49
C LYS G 13 -18.17 -15.73 -14.86
N VAL G 14 -19.27 -16.45 -14.71
CA VAL G 14 -19.20 -17.76 -14.08
C VAL G 14 -19.95 -18.86 -14.81
N ASP G 15 -19.59 -20.10 -14.49
CA ASP G 15 -20.25 -21.26 -15.06
C ASP G 15 -20.78 -22.09 -13.92
N PRO G 16 -22.11 -22.05 -13.73
CA PRO G 16 -22.82 -22.80 -12.69
C PRO G 16 -22.81 -24.31 -12.94
N ASN G 17 -21.95 -24.75 -13.84
CA ASN G 17 -21.87 -26.16 -14.15
C ASN G 17 -20.49 -26.66 -13.76
N LYS G 18 -19.50 -25.81 -14.00
CA LYS G 18 -18.12 -26.13 -13.66
C LYS G 18 -17.98 -26.07 -12.13
N ILE G 19 -17.60 -27.20 -11.53
CA ILE G 19 -17.38 -27.28 -10.09
C ILE G 19 -15.92 -26.78 -10.09
N TYR G 20 -15.76 -25.48 -9.87
CA TYR G 20 -14.46 -24.81 -9.69
C TYR G 20 -13.51 -25.38 -8.65
N THR G 21 -12.35 -24.73 -8.50
CA THR G 21 -11.36 -25.14 -7.51
C THR G 21 -11.22 -24.02 -6.49
N ILE G 22 -10.67 -24.39 -5.35
CA ILE G 22 -10.37 -23.45 -4.30
C ILE G 22 -9.44 -22.34 -4.76
N ASP G 23 -8.77 -22.59 -5.87
CA ASP G 23 -7.83 -21.63 -6.46
C ASP G 23 -8.50 -20.82 -7.56
N GLU G 24 -9.08 -21.51 -8.52
CA GLU G 24 -9.78 -20.85 -9.62
C GLU G 24 -10.78 -19.90 -9.01
N ALA G 25 -11.44 -20.38 -7.97
CA ALA G 25 -12.44 -19.61 -7.25
C ALA G 25 -11.83 -18.48 -6.42
N ALA G 26 -10.70 -18.76 -5.78
CA ALA G 26 -9.99 -17.76 -4.96
C ALA G 26 -9.60 -16.53 -5.78
N HIS G 27 -9.27 -16.70 -7.08
CA HIS G 27 -8.87 -15.61 -7.99
C HIS G 27 -10.03 -14.91 -8.66
N LEU G 28 -11.15 -15.57 -8.62
CA LEU G 28 -12.30 -15.00 -9.22
C LEU G 28 -13.04 -14.01 -8.30
N VAL G 29 -12.78 -14.12 -7.01
CA VAL G 29 -13.42 -13.28 -6.00
C VAL G 29 -13.46 -11.79 -6.26
N LYS G 30 -12.31 -11.18 -6.49
CA LYS G 30 -12.24 -9.74 -6.73
C LYS G 30 -13.04 -9.32 -7.97
N GLU G 31 -13.42 -10.33 -8.75
CA GLU G 31 -14.18 -10.13 -9.98
C GLU G 31 -15.66 -10.51 -9.80
N LEU G 32 -16.17 -10.37 -8.58
CA LEU G 32 -17.55 -10.67 -8.27
C LEU G 32 -17.99 -9.71 -7.18
N ALA G 33 -17.04 -8.91 -6.69
CA ALA G 33 -17.32 -7.93 -5.63
C ALA G 33 -17.55 -6.53 -6.21
N THR G 34 -18.47 -6.44 -7.16
CA THR G 34 -18.79 -5.18 -7.84
C THR G 34 -19.58 -4.12 -7.08
N ALA G 35 -19.82 -4.34 -5.79
CA ALA G 35 -20.58 -3.38 -5.00
C ALA G 35 -19.78 -2.12 -4.66
N LYS G 36 -20.47 -1.11 -4.11
CA LYS G 36 -19.82 0.15 -3.74
C LYS G 36 -19.21 0.08 -2.33
N PHE G 37 -18.52 -1.01 -2.05
CA PHE G 37 -17.84 -1.25 -0.77
C PHE G 37 -17.14 -2.61 -0.85
N ASP G 38 -16.00 -2.75 -0.18
CA ASP G 38 -15.28 -4.03 -0.24
C ASP G 38 -16.16 -5.08 0.38
N GLU G 39 -16.75 -5.91 -0.47
CA GLU G 39 -17.63 -6.97 -0.01
C GLU G 39 -16.88 -7.95 0.87
N THR G 40 -17.52 -9.06 1.19
CA THR G 40 -16.91 -10.05 2.04
C THR G 40 -17.15 -11.41 1.40
N VAL G 41 -16.13 -12.24 1.40
CA VAL G 41 -16.19 -13.58 0.83
C VAL G 41 -16.74 -14.54 1.86
N GLU G 42 -17.36 -15.62 1.42
CA GLU G 42 -17.94 -16.57 2.36
C GLU G 42 -18.11 -17.96 1.78
N VAL G 43 -18.14 -18.97 2.64
CA VAL G 43 -18.27 -20.36 2.22
C VAL G 43 -19.57 -20.99 2.72
N HIS G 44 -20.20 -21.79 1.87
CA HIS G 44 -21.47 -22.45 2.19
C HIS G 44 -21.36 -23.94 1.95
N ALA G 45 -21.78 -24.73 2.93
CA ALA G 45 -21.71 -26.17 2.80
C ALA G 45 -22.96 -26.86 3.34
N LYS G 46 -23.37 -27.94 2.68
CA LYS G 46 -24.51 -28.71 3.13
C LYS G 46 -23.88 -29.93 3.79
N LEU G 47 -24.18 -30.12 5.08
CA LEU G 47 -23.63 -31.23 5.84
C LEU G 47 -24.56 -32.43 5.90
N GLY G 48 -23.98 -33.62 5.97
CA GLY G 48 -24.77 -34.83 6.04
C GLY G 48 -25.08 -35.29 7.45
N ILE G 49 -25.68 -34.40 8.23
CA ILE G 49 -26.03 -34.66 9.63
C ILE G 49 -27.54 -34.59 9.79
N ASP G 50 -28.03 -34.95 10.98
CA ASP G 50 -29.45 -34.86 11.30
C ASP G 50 -29.53 -33.58 12.15
N PRO G 51 -29.93 -32.44 11.53
CA PRO G 51 -30.01 -31.21 12.31
C PRO G 51 -30.85 -31.34 13.55
N ARG G 52 -31.78 -32.31 13.54
CA ARG G 52 -32.70 -32.54 14.65
C ARG G 52 -32.14 -33.29 15.86
N ARG G 53 -30.83 -33.51 15.92
CA ARG G 53 -30.27 -34.17 17.07
C ARG G 53 -28.92 -33.62 17.53
N SER G 54 -28.92 -33.14 18.76
CA SER G 54 -27.77 -32.54 19.42
C SER G 54 -26.45 -33.20 19.04
N ASP G 55 -26.36 -34.50 19.28
CA ASP G 55 -25.14 -35.25 18.99
C ASP G 55 -24.68 -35.10 17.53
N GLN G 56 -25.48 -34.52 16.66
CA GLN G 56 -25.06 -34.36 15.28
C GLN G 56 -24.99 -32.94 14.73
N ASN G 57 -24.98 -31.98 15.63
CA ASN G 57 -24.84 -30.58 15.25
C ASN G 57 -23.36 -30.34 14.95
N VAL G 58 -23.06 -29.27 14.21
CA VAL G 58 -21.68 -28.90 13.88
C VAL G 58 -21.55 -27.47 14.43
N ARG G 59 -20.75 -27.28 15.47
CA ARG G 59 -20.68 -25.95 16.06
C ARG G 59 -19.39 -25.52 16.75
N GLY G 60 -18.49 -24.85 16.02
CA GLY G 60 -17.25 -24.41 16.63
C GLY G 60 -16.74 -23.02 16.30
N THR G 61 -15.42 -22.94 16.17
CA THR G 61 -14.73 -21.70 15.85
C THR G 61 -13.45 -22.10 15.12
N VAL G 62 -13.02 -21.27 14.19
CA VAL G 62 -11.77 -21.50 13.43
C VAL G 62 -10.91 -20.25 13.49
N SER G 63 -9.66 -20.36 13.82
CA SER G 63 -8.76 -19.23 13.76
C SER G 63 -8.23 -19.23 12.32
N LEU G 64 -8.52 -18.18 11.57
CA LEU G 64 -8.09 -18.10 10.17
C LEU G 64 -6.62 -17.82 9.96
N PRO G 65 -6.01 -18.47 8.95
CA PRO G 65 -4.59 -18.24 8.69
C PRO G 65 -4.33 -16.75 8.46
N HIS G 66 -5.19 -16.12 7.67
CA HIS G 66 -4.97 -14.71 7.34
C HIS G 66 -6.03 -13.75 7.89
N GLY G 67 -6.89 -14.26 8.76
CA GLY G 67 -7.92 -13.43 9.39
C GLY G 67 -9.06 -12.95 8.50
N LEU G 68 -9.93 -12.14 9.10
CA LEU G 68 -11.08 -11.58 8.39
C LEU G 68 -10.83 -10.20 7.82
N GLY G 69 -9.76 -9.54 8.26
CA GLY G 69 -9.51 -8.19 7.80
C GLY G 69 -10.69 -7.32 8.13
N LYS G 70 -10.96 -7.17 9.43
CA LYS G 70 -12.15 -6.45 9.90
C LYS G 70 -11.99 -6.21 11.40
N GLN G 71 -11.84 -4.95 11.81
CA GLN G 71 -11.71 -4.65 13.24
C GLN G 71 -12.96 -5.20 13.92
N VAL G 72 -12.84 -5.59 15.19
CA VAL G 72 -13.97 -6.16 15.92
C VAL G 72 -14.15 -5.65 17.35
N ARG G 73 -15.17 -4.82 17.60
CA ARG G 73 -15.40 -4.28 18.96
C ARG G 73 -15.66 -5.42 19.93
N VAL G 74 -14.82 -5.54 20.95
CA VAL G 74 -14.96 -6.64 21.90
C VAL G 74 -15.24 -6.23 23.36
N LEU G 75 -16.40 -6.64 23.86
CA LEU G 75 -16.76 -6.38 25.25
C LEU G 75 -16.49 -7.63 26.08
N ALA G 76 -15.79 -7.45 27.18
CA ALA G 76 -15.49 -8.55 28.08
C ALA G 76 -16.09 -8.18 29.42
N ILE G 77 -16.57 -9.19 30.14
CA ILE G 77 -17.20 -9.00 31.45
C ILE G 77 -16.56 -10.02 32.39
N ALA G 78 -15.60 -9.55 33.18
CA ALA G 78 -14.85 -10.39 34.11
C ALA G 78 -14.83 -9.92 35.55
N LYS G 79 -14.30 -10.78 36.42
CA LYS G 79 -14.20 -10.51 37.86
C LYS G 79 -12.75 -10.47 38.36
N GLY G 80 -12.53 -9.73 39.45
CA GLY G 80 -11.20 -9.65 40.02
C GLY G 80 -10.07 -9.21 39.11
N GLU G 81 -9.05 -10.05 38.98
CA GLU G 81 -7.87 -9.73 38.19
C GLU G 81 -7.96 -10.29 36.77
N LYS G 82 -9.09 -10.92 36.39
CA LYS G 82 -9.24 -11.38 35.06
C LYS G 82 -9.56 -10.15 34.17
N ILE G 83 -10.15 -9.15 34.82
CA ILE G 83 -10.47 -7.85 34.23
C ILE G 83 -9.24 -7.21 33.59
N LYS G 84 -8.14 -7.28 34.34
CA LYS G 84 -6.85 -6.75 33.94
C LYS G 84 -6.36 -7.58 32.78
N GLU G 85 -6.55 -8.88 32.87
CA GLU G 85 -6.13 -9.77 31.80
C GLU G 85 -6.84 -9.48 30.49
N ALA G 86 -8.05 -8.95 30.58
CA ALA G 86 -8.83 -8.65 29.38
C ALA G 86 -8.47 -7.32 28.73
N GLU G 87 -8.26 -6.29 29.56
CA GLU G 87 -7.88 -4.98 29.04
C GLU G 87 -6.54 -5.18 28.39
N GLU G 88 -5.62 -5.70 29.20
CA GLU G 88 -4.25 -6.00 28.80
C GLU G 88 -4.23 -6.81 27.50
N ALA G 89 -5.18 -7.73 27.37
CA ALA G 89 -5.29 -8.58 26.18
C ALA G 89 -5.73 -7.80 24.95
N GLY G 90 -6.34 -6.64 25.16
CA GLY G 90 -6.75 -5.82 24.04
C GLY G 90 -8.24 -5.63 23.81
N ALA G 91 -9.06 -5.95 24.81
CA ALA G 91 -10.50 -5.77 24.65
C ALA G 91 -10.81 -4.28 24.47
N ASP G 92 -11.99 -3.99 23.95
CA ASP G 92 -12.41 -2.61 23.72
C ASP G 92 -13.15 -2.00 24.91
N TYR G 93 -13.90 -2.83 25.61
CA TYR G 93 -14.64 -2.40 26.78
C TYR G 93 -14.58 -3.54 27.77
N VAL G 94 -14.29 -3.26 29.04
CA VAL G 94 -14.23 -4.31 30.06
C VAL G 94 -14.89 -3.83 31.35
N GLY G 95 -15.92 -4.55 31.79
CA GLY G 95 -16.61 -4.17 32.99
C GLY G 95 -16.99 -5.32 33.90
N GLY G 96 -18.17 -5.20 34.51
CA GLY G 96 -18.66 -6.22 35.41
C GLY G 96 -20.16 -6.11 35.65
N GLU G 97 -20.59 -6.32 36.88
CA GLU G 97 -22.00 -6.16 37.20
C GLU G 97 -22.46 -4.75 36.82
N GLU G 98 -21.52 -3.81 36.87
CA GLU G 98 -21.79 -2.45 36.44
C GLU G 98 -22.02 -2.38 34.94
N ILE G 99 -21.11 -3.07 34.19
CA ILE G 99 -21.28 -3.05 32.74
C ILE G 99 -22.60 -3.72 32.32
N ILE G 100 -23.04 -4.69 33.09
CA ILE G 100 -24.27 -5.38 32.75
C ILE G 100 -25.38 -4.34 32.75
N GLN G 101 -25.47 -3.56 33.82
CA GLN G 101 -26.49 -2.53 33.88
C GLN G 101 -26.29 -1.51 32.77
N LYS G 102 -25.04 -1.32 32.35
CA LYS G 102 -24.72 -0.36 31.30
C LYS G 102 -25.31 -0.76 29.96
N ILE G 103 -25.54 -2.07 29.79
CA ILE G 103 -26.10 -2.57 28.55
C ILE G 103 -27.62 -2.45 28.57
N LEU G 104 -28.21 -2.79 29.69
CA LEU G 104 -29.66 -2.71 29.84
C LEU G 104 -30.16 -1.29 29.63
N ASP G 105 -29.36 -0.31 30.03
CA ASP G 105 -29.76 1.09 29.88
C ASP G 105 -29.89 1.46 28.42
N GLY G 106 -29.37 0.60 27.54
CA GLY G 106 -29.47 0.86 26.12
C GLY G 106 -28.19 0.76 25.33
N TRP G 107 -27.09 0.46 26.01
CA TRP G 107 -25.80 0.36 25.34
C TRP G 107 -25.63 -0.91 24.49
N MSE G 108 -25.09 -0.77 23.27
CA MSE G 108 -24.90 -1.92 22.40
C MSE G 108 -23.75 -1.70 21.40
O MSE G 108 -23.72 -2.31 20.32
CB MSE G 108 -26.18 -2.22 21.61
CG MSE G 108 -27.35 -2.76 22.44
SE MSE G 108 -27.39 -4.70 22.72
CE MSE G 108 -26.96 -5.30 20.92
N ASP G 109 -22.80 -0.86 21.78
CA ASP G 109 -21.66 -0.57 20.92
C ASP G 109 -20.57 -1.64 20.92
N PHE G 110 -20.88 -2.80 20.36
CA PHE G 110 -19.89 -3.87 20.32
C PHE G 110 -20.31 -4.96 19.36
N ASP G 111 -19.33 -5.76 18.93
CA ASP G 111 -19.58 -6.85 17.98
C ASP G 111 -19.57 -8.24 18.62
N ALA G 112 -19.12 -8.33 19.85
CA ALA G 112 -19.09 -9.61 20.54
C ALA G 112 -18.83 -9.41 22.01
N VAL G 113 -19.35 -10.33 22.81
CA VAL G 113 -19.14 -10.25 24.24
C VAL G 113 -18.60 -11.57 24.73
N VAL G 114 -17.55 -11.51 25.54
CA VAL G 114 -16.96 -12.72 26.12
C VAL G 114 -16.97 -12.48 27.61
N ALA G 115 -16.94 -13.55 28.40
CA ALA G 115 -16.95 -13.40 29.84
C ALA G 115 -16.44 -14.64 30.53
N THR G 116 -15.97 -14.47 31.77
CA THR G 116 -15.48 -15.59 32.56
C THR G 116 -16.68 -16.30 33.19
N PRO G 117 -16.51 -17.56 33.59
CA PRO G 117 -17.58 -18.36 34.19
C PRO G 117 -18.23 -17.86 35.47
N ASP G 118 -17.52 -17.09 36.29
CA ASP G 118 -18.10 -16.62 37.56
C ASP G 118 -18.92 -15.35 37.46
N VAL G 119 -19.43 -15.08 36.28
CA VAL G 119 -20.25 -13.89 36.07
C VAL G 119 -21.43 -14.25 35.18
N MSE G 120 -21.54 -15.52 34.83
CA MSE G 120 -22.56 -16.02 33.91
C MSE G 120 -23.95 -16.16 34.48
O MSE G 120 -24.92 -16.19 33.72
CB MSE G 120 -22.13 -17.36 33.34
CG MSE G 120 -21.16 -17.24 32.18
SE MSE G 120 -21.76 -15.98 30.81
CE MSE G 120 -23.47 -16.77 30.39
N GLY G 121 -24.07 -16.26 35.78
CA GLY G 121 -25.40 -16.26 36.34
C GLY G 121 -26.00 -14.90 36.05
N ALA G 122 -25.25 -13.86 36.37
CA ALA G 122 -25.69 -12.49 36.15
C ALA G 122 -25.97 -12.18 34.68
N VAL G 123 -25.04 -12.54 33.80
CA VAL G 123 -25.21 -12.25 32.40
C VAL G 123 -26.36 -12.97 31.76
N GLY G 124 -26.35 -14.29 31.81
CA GLY G 124 -27.41 -15.08 31.20
C GLY G 124 -28.80 -14.70 31.70
N SER G 125 -28.87 -14.07 32.86
CA SER G 125 -30.16 -13.70 33.43
C SER G 125 -30.65 -12.32 32.98
N LYS G 126 -29.74 -11.37 32.89
CA LYS G 126 -30.12 -10.04 32.48
C LYS G 126 -30.11 -9.97 30.98
N LEU G 127 -28.90 -10.04 30.43
CA LEU G 127 -28.69 -9.95 28.99
C LEU G 127 -29.22 -11.12 28.18
N GLY G 128 -29.70 -12.14 28.87
CA GLY G 128 -30.21 -13.31 28.19
C GLY G 128 -31.29 -13.01 27.18
N ARG G 129 -32.07 -11.97 27.43
CA ARG G 129 -33.15 -11.58 26.53
C ARG G 129 -32.74 -10.40 25.67
N ILE G 130 -31.48 -9.98 25.79
CA ILE G 130 -30.95 -8.88 25.01
C ILE G 130 -29.99 -9.49 24.01
N LEU G 131 -28.82 -9.88 24.51
CA LEU G 131 -27.80 -10.46 23.67
C LEU G 131 -28.33 -11.79 23.16
N GLY G 132 -29.12 -12.46 23.99
CA GLY G 132 -29.67 -13.76 23.63
C GLY G 132 -30.15 -13.93 22.19
N PRO G 133 -31.12 -13.12 21.75
CA PRO G 133 -31.68 -13.17 20.39
C PRO G 133 -30.73 -12.66 19.32
N ARG G 134 -29.93 -11.65 19.66
CA ARG G 134 -28.96 -11.06 18.73
C ARG G 134 -27.70 -11.90 18.53
N GLY G 135 -27.77 -13.19 18.90
CA GLY G 135 -26.64 -14.08 18.74
C GLY G 135 -25.37 -13.75 19.51
N LEU G 136 -25.48 -12.82 20.48
CA LEU G 136 -24.33 -12.38 21.27
C LEU G 136 -24.18 -12.89 22.71
N LEU G 137 -25.12 -13.68 23.20
CA LEU G 137 -25.00 -14.16 24.58
C LEU G 137 -23.76 -15.05 24.69
N PRO G 138 -22.86 -14.76 25.66
CA PRO G 138 -21.66 -15.59 25.80
C PRO G 138 -21.99 -17.05 26.06
N ASN G 139 -21.26 -17.93 25.40
CA ASN G 139 -21.54 -19.34 25.56
C ASN G 139 -20.26 -20.12 25.38
N PRO G 140 -20.06 -21.18 26.19
CA PRO G 140 -18.82 -21.90 25.97
C PRO G 140 -18.80 -22.50 24.56
N LYS G 141 -19.95 -23.03 24.12
CA LYS G 141 -20.02 -23.64 22.80
C LYS G 141 -19.65 -22.72 21.64
N ALA G 142 -19.64 -21.41 21.91
CA ALA G 142 -19.29 -20.40 20.90
C ALA G 142 -17.87 -19.94 21.17
N GLY G 143 -17.32 -20.45 22.26
CA GLY G 143 -15.98 -20.11 22.70
C GLY G 143 -15.94 -18.71 23.28
N THR G 144 -17.03 -18.26 23.89
CA THR G 144 -17.08 -16.92 24.46
C THR G 144 -17.14 -16.91 25.99
N VAL G 145 -17.09 -18.09 26.59
CA VAL G 145 -17.10 -18.23 28.04
C VAL G 145 -15.82 -18.95 28.43
N GLY G 146 -15.03 -18.35 29.33
CA GLY G 146 -13.81 -19.01 29.74
C GLY G 146 -12.99 -18.19 30.70
N PHE G 147 -12.05 -18.83 31.38
CA PHE G 147 -11.19 -18.11 32.30
C PHE G 147 -9.92 -17.67 31.56
N ASN G 148 -9.62 -18.34 30.45
CA ASN G 148 -8.47 -17.99 29.62
C ASN G 148 -9.05 -16.97 28.67
N ILE G 149 -9.82 -16.06 29.25
CA ILE G 149 -10.51 -15.01 28.52
C ILE G 149 -9.58 -14.07 27.73
N GLY G 150 -8.41 -13.78 28.28
CA GLY G 150 -7.48 -12.91 27.58
C GLY G 150 -7.05 -13.47 26.23
N GLU G 151 -6.73 -14.75 26.17
CA GLU G 151 -6.32 -15.30 24.90
C GLU G 151 -7.51 -15.52 23.97
N ILE G 152 -8.70 -15.64 24.56
CA ILE G 152 -9.91 -15.81 23.76
C ILE G 152 -10.13 -14.47 23.07
N ILE G 153 -9.84 -13.40 23.81
CA ILE G 153 -9.97 -12.04 23.28
C ILE G 153 -9.04 -11.87 22.10
N ARG G 154 -7.77 -12.26 22.30
CA ARG G 154 -6.75 -12.16 21.28
C ARG G 154 -7.16 -12.93 20.03
N GLU G 155 -7.62 -14.16 20.23
CA GLU G 155 -8.05 -15.00 19.10
C GLU G 155 -9.10 -14.34 18.21
N ILE G 156 -10.07 -13.67 18.85
CA ILE G 156 -11.19 -12.99 18.16
C ILE G 156 -10.80 -11.67 17.53
N LYS G 157 -10.13 -10.82 18.30
CA LYS G 157 -9.62 -9.58 17.79
C LYS G 157 -8.79 -9.83 16.54
N ALA G 158 -8.06 -10.93 16.57
CA ALA G 158 -7.21 -11.35 15.45
C ALA G 158 -8.08 -12.11 14.46
N GLY G 159 -9.38 -11.83 14.48
CA GLY G 159 -10.31 -12.47 13.58
C GLY G 159 -10.41 -13.99 13.64
N ARG G 160 -11.30 -14.47 14.50
CA ARG G 160 -11.58 -15.89 14.65
C ARG G 160 -13.05 -15.95 14.33
N ILE G 161 -13.49 -16.98 13.63
CA ILE G 161 -14.90 -17.10 13.27
C ILE G 161 -15.63 -18.22 13.99
N GLU G 162 -16.95 -18.10 14.04
CA GLU G 162 -17.80 -19.13 14.64
C GLU G 162 -18.55 -19.81 13.51
N PHE G 163 -19.18 -20.93 13.83
CA PHE G 163 -19.94 -21.62 12.82
C PHE G 163 -20.86 -22.63 13.49
N ARG G 164 -22.11 -22.63 13.05
CA ARG G 164 -23.10 -23.51 13.63
C ARG G 164 -24.10 -23.89 12.55
N ASN G 165 -24.25 -25.18 12.30
CA ASN G 165 -25.19 -25.66 11.30
C ASN G 165 -26.54 -25.03 11.61
N ASP G 166 -27.30 -24.67 10.57
CA ASP G 166 -28.63 -24.13 10.80
C ASP G 166 -29.57 -25.31 10.89
N LYS G 167 -30.86 -25.05 11.08
CA LYS G 167 -31.80 -26.15 11.20
C LYS G 167 -32.00 -26.98 9.93
N THR G 168 -31.42 -26.53 8.82
CA THR G 168 -31.56 -27.26 7.55
C THR G 168 -30.30 -28.02 7.21
N GLY G 169 -29.36 -28.05 8.16
CA GLY G 169 -28.12 -28.77 7.92
C GLY G 169 -27.07 -27.98 7.15
N ALA G 170 -27.36 -26.71 6.85
CA ALA G 170 -26.41 -25.86 6.13
C ALA G 170 -25.51 -25.15 7.13
N ILE G 171 -24.38 -24.65 6.66
CA ILE G 171 -23.46 -23.94 7.54
C ILE G 171 -22.62 -22.97 6.75
N HIS G 172 -22.87 -21.69 6.98
CA HIS G 172 -22.20 -20.60 6.30
C HIS G 172 -21.21 -19.90 7.23
N ALA G 173 -20.19 -19.26 6.66
CA ALA G 173 -19.21 -18.54 7.45
C ALA G 173 -18.36 -17.68 6.54
N PRO G 174 -18.05 -16.45 6.96
CA PRO G 174 -17.24 -15.58 6.10
C PRO G 174 -15.76 -16.02 6.11
N VAL G 175 -15.02 -15.71 5.05
CA VAL G 175 -13.61 -16.08 4.97
C VAL G 175 -12.75 -14.94 4.39
N GLY G 176 -12.76 -13.81 5.08
CA GLY G 176 -11.99 -12.67 4.61
C GLY G 176 -12.76 -11.72 3.73
N LYS G 177 -12.08 -10.69 3.20
CA LYS G 177 -12.68 -9.69 2.31
C LYS G 177 -12.43 -10.02 0.83
N ALA G 178 -13.10 -9.27 -0.05
CA ALA G 178 -12.98 -9.45 -1.50
C ALA G 178 -11.60 -8.95 -1.93
N SER G 179 -11.16 -7.85 -1.32
CA SER G 179 -9.85 -7.27 -1.59
C SER G 179 -8.78 -8.10 -0.85
N PHE G 180 -8.57 -9.33 -1.30
CA PHE G 180 -7.60 -10.23 -0.67
C PHE G 180 -6.71 -10.90 -1.69
N PRO G 181 -5.47 -11.23 -1.31
CA PRO G 181 -4.60 -11.90 -2.26
C PRO G 181 -5.26 -13.25 -2.48
N PRO G 182 -5.59 -13.61 -3.73
CA PRO G 182 -6.20 -14.90 -4.06
C PRO G 182 -5.56 -16.11 -3.41
N GLU G 183 -4.31 -15.95 -3.00
CA GLU G 183 -3.58 -16.97 -2.26
C GLU G 183 -4.06 -17.05 -0.82
N LYS G 184 -4.14 -15.89 -0.15
CA LYS G 184 -4.61 -15.85 1.22
C LYS G 184 -6.04 -16.36 1.39
N LEU G 185 -6.92 -15.94 0.49
CA LEU G 185 -8.27 -16.47 0.45
C LEU G 185 -8.29 -18.00 0.47
N ALA G 186 -7.70 -18.63 -0.55
CA ALA G 186 -7.69 -20.08 -0.63
C ALA G 186 -7.14 -20.74 0.61
N ASP G 187 -6.44 -19.99 1.46
CA ASP G 187 -5.91 -20.56 2.69
C ASP G 187 -7.01 -20.47 3.72
N ASN G 188 -7.62 -19.30 3.78
CA ASN G 188 -8.72 -19.01 4.71
C ASN G 188 -9.92 -19.85 4.30
N ILE G 189 -9.87 -20.38 3.09
CA ILE G 189 -10.97 -21.19 2.57
C ILE G 189 -10.78 -22.69 2.79
N ARG G 190 -9.53 -23.13 2.82
CA ARG G 190 -9.19 -24.53 3.02
C ARG G 190 -9.16 -24.73 4.54
N ALA G 191 -8.75 -23.70 5.26
CA ALA G 191 -8.69 -23.77 6.72
C ALA G 191 -10.10 -24.01 7.23
N PHE G 192 -11.02 -23.18 6.75
CA PHE G 192 -12.42 -23.26 7.12
C PHE G 192 -13.01 -24.63 6.86
N ILE G 193 -12.63 -25.23 5.73
CA ILE G 193 -13.16 -26.55 5.40
C ILE G 193 -12.65 -27.63 6.31
N ARG G 194 -11.42 -27.48 6.79
CA ARG G 194 -10.84 -28.48 7.67
C ARG G 194 -11.62 -28.47 8.98
N ALA G 195 -11.83 -27.25 9.49
CA ALA G 195 -12.55 -27.05 10.74
C ALA G 195 -13.86 -27.83 10.76
N LEU G 196 -14.53 -27.90 9.61
CA LEU G 196 -15.78 -28.63 9.55
C LEU G 196 -15.55 -30.12 9.73
N GLU G 197 -14.61 -30.67 8.97
CA GLU G 197 -14.28 -32.09 9.03
C GLU G 197 -13.74 -32.43 10.41
N ALA G 198 -13.07 -31.45 11.00
CA ALA G 198 -12.52 -31.59 12.34
C ALA G 198 -13.66 -31.62 13.34
N HIS G 199 -14.80 -31.08 12.94
CA HIS G 199 -15.99 -31.05 13.77
C HIS G 199 -17.09 -31.98 13.28
N LYS G 200 -16.70 -33.03 12.55
CA LYS G 200 -17.67 -34.01 12.02
C LYS G 200 -18.16 -34.91 13.15
N PRO G 201 -19.47 -34.89 13.45
CA PRO G 201 -20.05 -35.72 14.51
C PRO G 201 -19.91 -37.22 14.32
N GLU G 202 -20.02 -37.94 15.46
CA GLU G 202 -19.84 -39.40 15.58
C GLU G 202 -20.68 -40.16 14.57
N GLY G 203 -21.97 -40.02 14.77
CA GLY G 203 -22.97 -40.69 13.99
C GLY G 203 -23.47 -40.15 12.64
N ALA G 204 -22.98 -38.95 12.20
CA ALA G 204 -23.15 -38.40 10.85
C ALA G 204 -23.17 -39.48 9.78
N LYS G 205 -24.30 -39.83 9.30
CA LYS G 205 -24.32 -40.83 8.27
C LYS G 205 -24.42 -40.13 6.98
N GLY G 206 -23.34 -40.37 6.27
CA GLY G 206 -23.39 -39.98 4.91
C GLY G 206 -22.25 -39.19 4.36
N THR G 207 -22.64 -38.61 3.22
CA THR G 207 -21.59 -37.94 2.56
C THR G 207 -21.35 -36.55 3.21
N PHE G 208 -21.01 -36.47 4.53
CA PHE G 208 -20.68 -35.21 5.30
C PHE G 208 -20.72 -33.86 4.55
N LEU G 209 -19.71 -33.56 3.74
CA LEU G 209 -19.70 -32.34 2.94
C LEU G 209 -20.47 -32.54 1.62
N ARG G 210 -21.75 -32.18 1.61
CA ARG G 210 -22.61 -32.34 0.41
C ARG G 210 -22.34 -31.34 -0.73
N SER G 211 -22.24 -30.06 -0.41
CA SER G 211 -22.00 -29.05 -1.43
C SER G 211 -21.32 -27.82 -0.86
N VAL G 212 -20.07 -27.60 -1.21
CA VAL G 212 -19.37 -26.43 -0.71
C VAL G 212 -19.36 -25.33 -1.79
N TYR G 213 -19.66 -24.10 -1.40
CA TYR G 213 -19.69 -23.01 -2.35
C TYR G 213 -18.95 -21.83 -1.77
N VAL G 214 -18.42 -20.98 -2.65
CA VAL G 214 -17.71 -19.76 -2.25
C VAL G 214 -18.36 -18.57 -2.92
N THR G 215 -18.56 -17.51 -2.16
CA THR G 215 -19.20 -16.31 -2.71
C THR G 215 -18.82 -15.04 -2.00
N THR G 216 -19.34 -13.94 -2.51
CA THR G 216 -19.08 -12.65 -1.93
C THR G 216 -20.46 -12.07 -1.60
N THR G 217 -20.48 -11.13 -0.65
CA THR G 217 -21.72 -10.50 -0.18
C THR G 217 -22.82 -10.24 -1.23
N MSE G 218 -22.44 -9.68 -2.38
CA MSE G 218 -23.41 -9.35 -3.43
C MSE G 218 -23.33 -10.09 -4.78
O MSE G 218 -24.25 -10.01 -5.59
CB MSE G 218 -23.36 -7.85 -3.69
CG MSE G 218 -23.36 -7.01 -2.44
SE MSE G 218 -24.99 -7.17 -1.39
CE MSE G 218 -24.82 -5.57 -0.28
N GLY G 219 -22.22 -10.77 -5.04
CA GLY G 219 -22.09 -11.48 -6.30
C GLY G 219 -22.86 -12.79 -6.29
N PRO G 220 -22.68 -13.62 -7.33
CA PRO G 220 -23.35 -14.92 -7.47
C PRO G 220 -22.53 -16.00 -6.78
N SER G 221 -22.81 -17.26 -7.13
CA SER G 221 -22.09 -18.36 -6.50
C SER G 221 -21.40 -19.31 -7.46
N VAL G 222 -20.20 -19.72 -7.06
CA VAL G 222 -19.41 -20.65 -7.83
C VAL G 222 -19.16 -21.83 -6.93
N ARG G 223 -19.53 -23.00 -7.40
CA ARG G 223 -19.36 -24.19 -6.62
C ARG G 223 -17.92 -24.62 -6.65
N ILE G 224 -17.21 -24.42 -5.55
CA ILE G 224 -15.82 -24.85 -5.46
C ILE G 224 -15.82 -26.33 -5.08
N ASN G 225 -14.66 -26.84 -4.72
CA ASN G 225 -14.60 -28.24 -4.35
C ASN G 225 -13.67 -28.45 -3.16
N PRO G 226 -14.12 -29.27 -2.20
CA PRO G 226 -13.29 -29.54 -1.02
C PRO G 226 -12.06 -30.26 -1.58
N HIS G 227 -11.04 -30.46 -0.75
CA HIS G 227 -9.90 -31.26 -1.18
C HIS G 227 -9.33 -30.67 -2.46
N SER G 228 -8.98 -29.39 -2.39
CA SER G 228 -8.41 -28.66 -3.52
C SER G 228 -7.60 -27.53 -2.92
N PRO H 1 -3.67 6.99 -29.21
CA PRO H 1 -2.68 6.70 -28.13
C PRO H 1 -2.59 5.22 -27.72
N LYS H 2 -2.91 4.92 -26.47
CA LYS H 2 -2.89 3.57 -25.89
C LYS H 2 -4.02 3.48 -24.85
N HIS H 3 -5.25 3.74 -25.30
CA HIS H 3 -6.45 3.73 -24.47
C HIS H 3 -6.67 2.43 -23.73
N GLY H 4 -7.57 2.46 -22.75
CA GLY H 4 -7.88 1.27 -21.97
C GLY H 4 -9.12 0.52 -22.42
N LYS H 5 -9.63 -0.36 -21.56
CA LYS H 5 -10.81 -1.12 -21.90
C LYS H 5 -12.01 -0.20 -21.85
N ARG H 6 -12.13 0.48 -20.70
CA ARG H 6 -13.27 1.38 -20.50
C ARG H 6 -13.57 2.29 -21.67
N TYR H 7 -12.51 2.87 -22.22
CA TYR H 7 -12.64 3.80 -23.33
C TYR H 7 -12.85 3.10 -24.66
N ARG H 8 -12.09 2.05 -24.94
CA ARG H 8 -12.25 1.33 -26.20
C ARG H 8 -13.71 0.91 -26.34
N ALA H 9 -14.38 0.68 -25.21
CA ALA H 9 -15.78 0.28 -25.18
C ALA H 9 -16.67 1.40 -25.70
N LEU H 10 -16.46 2.61 -25.18
CA LEU H 10 -17.23 3.78 -25.58
C LEU H 10 -17.02 4.11 -27.06
N LEU H 11 -15.79 3.99 -27.53
CA LEU H 11 -15.45 4.27 -28.93
C LEU H 11 -16.28 3.44 -29.92
N GLU H 12 -16.86 2.35 -29.42
CA GLU H 12 -17.69 1.46 -30.21
C GLU H 12 -19.09 2.07 -30.36
N LYS H 13 -19.43 2.95 -29.43
CA LYS H 13 -20.72 3.62 -29.42
C LYS H 13 -20.72 4.94 -30.20
N VAL H 14 -19.78 5.14 -31.12
CA VAL H 14 -19.74 6.36 -31.92
C VAL H 14 -19.26 6.14 -33.36
N ASP H 15 -19.68 7.01 -34.28
CA ASP H 15 -19.24 6.89 -35.67
C ASP H 15 -18.59 8.18 -36.13
N PRO H 16 -17.33 8.10 -36.58
CA PRO H 16 -16.54 9.24 -37.07
C PRO H 16 -17.00 9.87 -38.37
N ASN H 17 -17.74 9.11 -39.16
CA ASN H 17 -18.23 9.61 -40.45
C ASN H 17 -19.62 10.20 -40.31
N LYS H 18 -20.15 10.16 -39.09
CA LYS H 18 -21.48 10.72 -38.83
C LYS H 18 -21.39 12.06 -38.12
N ILE H 19 -22.29 12.96 -38.53
CA ILE H 19 -22.38 14.28 -37.94
C ILE H 19 -23.71 14.29 -37.19
N TYR H 20 -23.66 14.02 -35.89
CA TYR H 20 -24.87 13.97 -35.06
C TYR H 20 -25.58 15.29 -34.90
N THR H 21 -26.83 15.22 -34.45
CA THR H 21 -27.63 16.41 -34.19
C THR H 21 -27.32 16.84 -32.75
N ILE H 22 -27.70 18.06 -32.37
CA ILE H 22 -27.43 18.49 -31.00
C ILE H 22 -28.33 17.67 -30.06
N ASP H 23 -29.34 17.01 -30.64
CA ASP H 23 -30.25 16.17 -29.87
C ASP H 23 -29.53 14.88 -29.55
N GLU H 24 -29.36 14.06 -30.59
CA GLU H 24 -28.69 12.76 -30.52
C GLU H 24 -27.47 12.83 -29.63
N ALA H 25 -26.70 13.90 -29.80
CA ALA H 25 -25.49 14.11 -29.02
C ALA H 25 -25.82 14.12 -27.53
N ALA H 26 -26.74 14.98 -27.11
CA ALA H 26 -27.09 15.08 -25.70
C ALA H 26 -27.61 13.77 -25.09
N HIS H 27 -28.15 12.87 -25.90
CA HIS H 27 -28.66 11.62 -25.37
C HIS H 27 -27.60 10.55 -25.30
N LEU H 28 -26.61 10.64 -26.19
CA LEU H 28 -25.54 9.67 -26.24
C LEU H 28 -24.42 9.97 -25.24
N VAL H 29 -24.23 11.24 -24.86
CA VAL H 29 -23.18 11.58 -23.90
C VAL H 29 -23.55 10.91 -22.60
N LYS H 30 -24.85 10.69 -22.44
CA LYS H 30 -25.37 10.05 -21.25
C LYS H 30 -24.79 8.62 -21.18
N GLU H 31 -24.30 8.13 -22.32
CA GLU H 31 -23.73 6.79 -22.41
C GLU H 31 -22.23 6.77 -22.70
N LEU H 32 -21.57 7.90 -22.50
CA LEU H 32 -20.15 7.96 -22.74
C LEU H 32 -19.40 8.51 -21.54
N ALA H 33 -20.12 8.69 -20.42
CA ALA H 33 -19.50 9.20 -19.20
C ALA H 33 -19.40 8.06 -18.20
N THR H 34 -18.51 7.10 -18.51
CA THR H 34 -18.34 5.92 -17.68
C THR H 34 -17.26 5.93 -16.60
N ALA H 35 -16.73 7.11 -16.27
CA ALA H 35 -15.71 7.20 -15.23
C ALA H 35 -16.41 7.19 -13.88
N LYS H 36 -15.62 7.06 -12.83
CA LYS H 36 -16.11 7.00 -11.45
C LYS H 36 -16.37 8.34 -10.77
N PHE H 37 -17.11 9.21 -11.45
CA PHE H 37 -17.50 10.50 -10.91
C PHE H 37 -18.50 11.12 -11.87
N ASP H 38 -19.15 12.20 -11.44
CA ASP H 38 -20.12 12.84 -12.32
C ASP H 38 -19.30 13.60 -13.35
N GLU H 39 -19.11 12.97 -14.52
CA GLU H 39 -18.34 13.55 -15.60
C GLU H 39 -18.98 14.84 -16.09
N THR H 40 -18.18 15.69 -16.72
CA THR H 40 -18.68 16.95 -17.24
C THR H 40 -18.77 16.88 -18.75
N VAL H 41 -19.80 17.49 -19.31
CA VAL H 41 -19.98 17.50 -20.76
C VAL H 41 -19.35 18.78 -21.31
N GLU H 42 -18.81 18.72 -22.52
CA GLU H 42 -18.14 19.88 -23.08
C GLU H 42 -18.34 20.07 -24.57
N VAL H 43 -18.11 21.30 -25.01
CA VAL H 43 -18.23 21.61 -26.40
C VAL H 43 -16.88 22.20 -26.78
N HIS H 44 -16.39 21.75 -27.92
CA HIS H 44 -15.12 22.19 -28.43
C HIS H 44 -15.44 22.58 -29.85
N ALA H 45 -15.04 23.78 -30.26
CA ALA H 45 -15.29 24.21 -31.62
C ALA H 45 -14.05 24.86 -32.19
N LYS H 46 -13.79 24.57 -33.47
CA LYS H 46 -12.66 25.17 -34.16
C LYS H 46 -13.40 26.36 -34.77
N LEU H 47 -12.77 27.53 -34.80
CA LEU H 47 -13.42 28.73 -35.29
C LEU H 47 -12.82 29.26 -36.57
N GLY H 48 -13.56 30.16 -37.21
CA GLY H 48 -13.07 30.74 -38.44
C GLY H 48 -12.35 32.06 -38.24
N ILE H 49 -11.51 32.14 -37.22
CA ILE H 49 -10.79 33.37 -36.97
C ILE H 49 -9.31 33.22 -37.24
N ASP H 50 -8.56 34.28 -36.99
CA ASP H 50 -7.10 34.29 -37.15
C ASP H 50 -6.61 34.72 -35.75
N PRO H 51 -6.34 33.75 -34.86
CA PRO H 51 -5.88 34.10 -33.52
C PRO H 51 -4.74 35.11 -33.49
N ARG H 52 -4.06 35.30 -34.62
CA ARG H 52 -2.93 36.24 -34.67
C ARG H 52 -3.37 37.70 -34.70
N ARG H 53 -4.68 37.93 -34.78
CA ARG H 53 -5.23 39.28 -34.80
C ARG H 53 -6.11 39.54 -33.57
N SER H 54 -5.85 40.64 -32.88
CA SER H 54 -6.61 40.99 -31.69
C SER H 54 -8.07 41.20 -32.05
N ASP H 55 -8.30 41.76 -33.23
CA ASP H 55 -9.65 42.04 -33.69
C ASP H 55 -10.41 40.83 -34.20
N GLN H 56 -9.84 39.65 -34.02
CA GLN H 56 -10.52 38.43 -34.46
C GLN H 56 -10.59 37.34 -33.39
N ASN H 57 -10.31 37.72 -32.15
CA ASN H 57 -10.37 36.80 -31.03
C ASN H 57 -11.82 36.67 -30.63
N VAL H 58 -12.20 35.51 -30.13
CA VAL H 58 -13.56 35.31 -29.69
C VAL H 58 -13.39 35.20 -28.19
N ARG H 59 -14.17 35.95 -27.44
CA ARG H 59 -14.01 35.95 -26.00
C ARG H 59 -15.14 36.67 -25.30
N GLY H 60 -15.71 36.00 -24.30
CA GLY H 60 -16.80 36.57 -23.54
C GLY H 60 -17.26 35.57 -22.49
N THR H 61 -18.57 35.56 -22.23
CA THR H 61 -19.17 34.66 -21.26
C THR H 61 -20.63 34.45 -21.64
N VAL H 62 -21.31 33.61 -20.88
CA VAL H 62 -22.72 33.32 -21.14
C VAL H 62 -23.25 32.55 -19.94
N SER H 63 -24.36 32.98 -19.39
CA SER H 63 -24.94 32.29 -18.25
C SER H 63 -25.70 31.10 -18.82
N LEU H 64 -25.33 29.89 -18.42
CA LEU H 64 -26.03 28.74 -18.97
C LEU H 64 -27.46 28.61 -18.44
N PRO H 65 -28.37 28.17 -19.32
CA PRO H 65 -29.78 27.98 -19.00
C PRO H 65 -29.97 27.21 -17.71
N HIS H 66 -29.26 26.09 -17.61
CA HIS H 66 -29.38 25.22 -16.44
C HIS H 66 -28.13 25.15 -15.59
N GLY H 67 -27.33 26.21 -15.63
CA GLY H 67 -26.11 26.26 -14.84
C GLY H 67 -25.12 25.20 -15.25
N LEU H 68 -24.12 24.97 -14.41
CA LEU H 68 -23.07 24.00 -14.68
C LEU H 68 -23.18 22.72 -13.87
N GLY H 69 -23.94 22.78 -12.79
CA GLY H 69 -24.08 21.61 -11.93
C GLY H 69 -22.96 21.63 -10.89
N LYS H 70 -22.04 22.59 -11.05
CA LYS H 70 -20.93 22.73 -10.11
C LYS H 70 -20.93 24.10 -9.43
N GLN H 71 -20.63 24.00 -8.20
CA GLN H 71 -20.55 25.12 -7.30
C GLN H 71 -19.28 25.91 -7.55
N VAL H 72 -19.26 27.14 -7.15
CA VAL H 72 -18.09 27.92 -7.40
C VAL H 72 -17.97 29.08 -6.36
N ARG H 73 -16.76 29.21 -5.71
CA ARG H 73 -16.38 30.18 -4.63
C ARG H 73 -15.87 31.53 -5.20
N VAL H 74 -16.71 32.55 -5.09
CA VAL H 74 -16.37 33.87 -5.62
C VAL H 74 -15.78 34.83 -4.59
N LEU H 75 -14.65 35.43 -4.96
CA LEU H 75 -13.96 36.39 -4.11
C LEU H 75 -14.15 37.78 -4.71
N ALA H 76 -14.74 38.69 -3.95
CA ALA H 76 -14.98 40.04 -4.44
C ALA H 76 -14.15 41.10 -3.73
N ILE H 77 -13.68 42.07 -4.51
CA ILE H 77 -12.87 43.18 -4.03
C ILE H 77 -13.58 44.45 -4.47
N ALA H 78 -13.96 45.31 -3.51
CA ALA H 78 -14.69 46.54 -3.85
C ALA H 78 -14.54 47.66 -2.81
N LYS H 79 -15.29 48.76 -3.04
CA LYS H 79 -15.29 49.94 -2.15
C LYS H 79 -16.70 50.41 -1.87
N GLY H 80 -16.90 51.00 -0.69
CA GLY H 80 -18.19 51.58 -0.26
C GLY H 80 -19.46 50.72 -0.48
N GLU H 81 -20.49 51.34 -1.04
CA GLU H 81 -21.76 50.65 -1.23
C GLU H 81 -21.62 49.26 -1.88
N LYS H 82 -20.63 49.13 -2.76
CA LYS H 82 -20.37 47.89 -3.48
C LYS H 82 -19.91 46.70 -2.64
N ILE H 83 -19.11 46.96 -1.60
CA ILE H 83 -18.66 45.85 -0.76
C ILE H 83 -19.91 45.23 -0.15
N LYS H 84 -20.87 46.09 0.17
CA LYS H 84 -22.13 45.64 0.71
C LYS H 84 -22.74 44.76 -0.38
N GLU H 85 -23.13 45.40 -1.49
CA GLU H 85 -23.72 44.71 -2.64
C GLU H 85 -23.06 43.39 -2.98
N ALA H 86 -21.74 43.35 -2.93
CA ALA H 86 -21.00 42.13 -3.24
C ALA H 86 -21.46 41.04 -2.28
N GLU H 87 -21.39 41.35 -0.99
CA GLU H 87 -21.78 40.41 0.06
C GLU H 87 -23.22 39.89 -0.01
N GLU H 88 -24.17 40.75 -0.35
CA GLU H 88 -25.57 40.32 -0.42
C GLU H 88 -25.85 39.54 -1.69
N ALA H 89 -24.84 39.47 -2.56
CA ALA H 89 -24.94 38.73 -3.82
C ALA H 89 -24.56 37.29 -3.58
N GLY H 90 -24.08 37.00 -2.37
CA GLY H 90 -23.69 35.65 -2.03
C GLY H 90 -22.23 35.34 -2.32
N ALA H 91 -21.45 36.38 -2.57
CA ALA H 91 -20.03 36.20 -2.85
C ALA H 91 -19.46 35.40 -1.70
N ASP H 92 -18.66 34.38 -2.02
CA ASP H 92 -18.06 33.53 -1.01
C ASP H 92 -17.16 34.36 -0.09
N TYR H 93 -16.12 34.96 -0.63
CA TYR H 93 -15.24 35.78 0.20
C TYR H 93 -15.26 37.19 -0.37
N VAL H 94 -15.70 38.11 0.42
CA VAL H 94 -15.73 39.52 0.00
C VAL H 94 -14.70 40.29 0.82
N GLY H 95 -14.34 41.49 0.35
CA GLY H 95 -13.37 42.28 1.09
C GLY H 95 -13.03 43.62 0.46
N GLY H 96 -11.74 43.88 0.33
CA GLY H 96 -11.29 45.12 -0.24
C GLY H 96 -9.78 45.29 -0.17
N GLU H 97 -9.33 46.24 0.63
CA GLU H 97 -7.90 46.49 0.79
C GLU H 97 -7.34 45.47 1.76
N GLU H 98 -8.12 45.19 2.81
CA GLU H 98 -7.73 44.26 3.84
C GLU H 98 -7.92 42.79 3.45
N ILE H 99 -7.85 42.51 2.15
CA ILE H 99 -7.99 41.16 1.64
C ILE H 99 -6.95 40.92 0.56
N ILE H 100 -6.45 42.02 0.00
CA ILE H 100 -5.41 41.94 -1.03
C ILE H 100 -4.27 41.19 -0.38
N GLN H 101 -3.96 41.61 0.84
CA GLN H 101 -2.89 41.05 1.65
C GLN H 101 -2.96 39.54 1.82
N LYS H 102 -4.13 39.02 2.10
CA LYS H 102 -4.30 37.58 2.30
C LYS H 102 -3.82 36.78 1.07
N ILE H 103 -4.33 37.17 -0.09
CA ILE H 103 -4.01 36.53 -1.37
C ILE H 103 -2.58 36.85 -1.75
N LEU H 104 -2.21 38.08 -1.39
CA LEU H 104 -0.88 38.62 -1.63
C LEU H 104 0.09 37.61 -1.04
N ASP H 105 0.16 37.59 0.27
CA ASP H 105 1.03 36.70 1.01
C ASP H 105 0.97 35.25 0.52
N GLY H 106 -0.21 34.64 0.56
CA GLY H 106 -0.31 33.26 0.10
C GLY H 106 -1.68 32.59 0.10
N TRP H 107 -2.75 33.37 0.19
CA TRP H 107 -4.08 32.77 0.19
C TRP H 107 -4.74 32.79 -1.19
N MSE H 108 -5.18 31.58 -1.63
CA MSE H 108 -5.85 31.45 -2.95
C MSE H 108 -6.81 30.27 -3.06
O MSE H 108 -6.79 29.53 -4.06
CB MSE H 108 -4.80 31.38 -4.03
CG MSE H 108 -4.15 32.72 -4.33
SE MSE H 108 -2.88 32.67 -5.80
CE MSE H 108 -4.03 31.85 -7.14
N ASP H 109 -7.68 30.15 -2.05
CA ASP H 109 -8.65 29.10 -1.99
C ASP H 109 -10.03 29.64 -2.33
N PHE H 110 -10.20 29.91 -3.62
CA PHE H 110 -11.45 30.39 -4.19
C PHE H 110 -11.41 29.96 -5.65
N ASP H 111 -12.40 30.40 -6.45
CA ASP H 111 -12.45 30.02 -7.85
C ASP H 111 -12.68 31.19 -8.81
N ALA H 112 -12.77 32.40 -8.27
CA ALA H 112 -12.98 33.56 -9.10
C ALA H 112 -12.94 34.86 -8.32
N VAL H 113 -12.12 35.81 -8.78
CA VAL H 113 -12.00 37.10 -8.18
C VAL H 113 -12.72 38.04 -9.11
N VAL H 114 -13.52 38.93 -8.54
CA VAL H 114 -14.28 39.89 -9.34
C VAL H 114 -14.10 41.23 -8.61
N ALA H 115 -14.03 42.33 -9.36
CA ALA H 115 -13.84 43.64 -8.74
C ALA H 115 -14.46 44.81 -9.52
N THR H 116 -14.58 45.96 -8.86
CA THR H 116 -15.13 47.16 -9.51
C THR H 116 -13.99 47.94 -10.15
N PRO H 117 -14.28 48.70 -11.22
CA PRO H 117 -13.27 49.49 -11.93
C PRO H 117 -12.27 50.23 -11.05
N ASP H 118 -12.78 50.90 -10.01
CA ASP H 118 -11.99 51.70 -9.08
C ASP H 118 -11.12 50.90 -8.11
N VAL H 119 -10.84 49.65 -8.46
CA VAL H 119 -10.01 48.80 -7.61
C VAL H 119 -8.89 48.20 -8.47
N MSE H 120 -8.94 48.45 -9.77
CA MSE H 120 -7.94 47.90 -10.68
C MSE H 120 -6.61 48.59 -10.64
O MSE H 120 -5.78 48.44 -11.54
CB MSE H 120 -8.48 47.89 -12.10
CG MSE H 120 -8.53 46.47 -12.68
SE MSE H 120 -9.26 45.17 -11.40
CE MSE H 120 -10.97 46.02 -11.12
N GLY H 121 -6.37 49.35 -9.59
CA GLY H 121 -5.08 49.97 -9.45
C GLY H 121 -4.36 48.92 -8.67
N ALA H 122 -4.68 48.85 -7.38
CA ALA H 122 -4.08 47.89 -6.46
C ALA H 122 -4.27 46.42 -6.83
N VAL H 123 -5.15 46.13 -7.79
CA VAL H 123 -5.37 44.73 -8.16
C VAL H 123 -4.56 44.42 -9.39
N GLY H 124 -4.66 45.29 -10.40
CA GLY H 124 -3.91 45.06 -11.61
C GLY H 124 -2.43 45.21 -11.33
N SER H 125 -2.07 46.26 -10.58
CA SER H 125 -0.68 46.52 -10.24
C SER H 125 -0.09 45.43 -9.36
N LYS H 126 -0.83 45.05 -8.32
CA LYS H 126 -0.35 44.03 -7.42
C LYS H 126 -0.58 42.52 -7.61
N LEU H 127 -1.85 42.12 -7.66
CA LEU H 127 -2.25 40.75 -8.04
C LEU H 127 -1.99 40.27 -9.47
N GLY H 128 -1.41 41.13 -10.30
CA GLY H 128 -1.16 40.76 -11.69
C GLY H 128 -0.24 39.56 -11.94
N ARG H 129 0.76 39.41 -11.08
CA ARG H 129 1.75 38.32 -11.20
C ARG H 129 1.30 36.95 -10.72
N ILE H 130 0.39 36.89 -9.76
CA ILE H 130 -0.11 35.58 -9.32
C ILE H 130 -1.36 35.20 -10.10
N LEU H 131 -2.49 35.86 -9.79
CA LEU H 131 -3.77 35.60 -10.46
C LEU H 131 -3.74 35.80 -11.97
N GLY H 132 -2.88 36.71 -12.42
CA GLY H 132 -2.74 36.92 -13.85
C GLY H 132 -2.46 35.62 -14.57
N PRO H 133 -1.25 35.04 -14.37
CA PRO H 133 -0.85 33.75 -14.92
C PRO H 133 -1.74 32.61 -14.44
N ARG H 134 -2.46 32.84 -13.35
CA ARG H 134 -3.38 31.84 -12.82
C ARG H 134 -4.62 31.85 -13.70
N GLY H 135 -4.72 32.87 -14.56
CA GLY H 135 -5.86 33.00 -15.45
C GLY H 135 -7.09 33.38 -14.65
N LEU H 136 -6.89 34.16 -13.59
CA LEU H 136 -7.97 34.58 -12.72
C LEU H 136 -7.87 36.07 -12.41
N LEU H 137 -7.08 36.79 -13.18
CA LEU H 137 -6.91 38.22 -12.98
C LEU H 137 -8.18 38.90 -13.54
N PRO H 138 -8.95 39.62 -12.68
CA PRO H 138 -10.17 40.30 -13.12
C PRO H 138 -9.86 41.25 -14.26
N ASN H 139 -10.70 41.21 -15.28
CA ASN H 139 -10.50 42.02 -16.47
C ASN H 139 -11.86 42.16 -17.11
N PRO H 140 -12.18 43.37 -17.59
CA PRO H 140 -13.47 43.60 -18.24
C PRO H 140 -13.80 42.67 -19.42
N LYS H 141 -12.78 42.25 -20.18
CA LYS H 141 -12.99 41.35 -21.32
C LYS H 141 -13.53 39.98 -20.90
N ALA H 142 -13.30 39.60 -19.65
CA ALA H 142 -13.75 38.30 -19.14
C ALA H 142 -14.93 38.42 -18.21
N GLY H 143 -15.45 39.65 -18.06
CA GLY H 143 -16.61 39.90 -17.21
C GLY H 143 -16.35 39.79 -15.72
N THR H 144 -15.16 40.18 -15.29
CA THR H 144 -14.77 40.10 -13.89
C THR H 144 -14.49 41.44 -13.22
N VAL H 145 -14.88 42.50 -13.91
CA VAL H 145 -14.70 43.86 -13.44
C VAL H 145 -15.98 44.55 -13.86
N GLY H 146 -16.51 45.39 -12.98
CA GLY H 146 -17.73 46.11 -13.28
C GLY H 146 -18.30 46.72 -12.02
N PHE H 147 -19.22 47.67 -12.17
CA PHE H 147 -19.81 48.28 -11.00
C PHE H 147 -21.18 47.70 -10.70
N ASN H 148 -21.67 46.87 -11.63
CA ASN H 148 -22.86 46.07 -11.41
C ASN H 148 -22.40 44.78 -10.74
N ILE H 149 -21.33 44.89 -9.97
CA ILE H 149 -20.71 43.79 -9.25
C ILE H 149 -21.72 42.78 -8.65
N GLY H 150 -22.83 43.29 -8.17
CA GLY H 150 -23.84 42.43 -7.58
C GLY H 150 -24.29 41.34 -8.52
N GLU H 151 -24.85 41.72 -9.65
CA GLU H 151 -25.33 40.74 -10.60
C GLU H 151 -24.21 39.91 -11.20
N ILE H 152 -23.03 40.50 -11.40
CA ILE H 152 -21.90 39.73 -11.94
C ILE H 152 -21.65 38.58 -10.96
N ILE H 153 -21.55 38.91 -9.68
CA ILE H 153 -21.34 37.90 -8.66
C ILE H 153 -22.47 36.86 -8.69
N ARG H 154 -23.70 37.33 -8.84
CA ARG H 154 -24.85 36.45 -8.88
C ARG H 154 -24.90 35.56 -10.11
N GLU H 155 -24.49 36.07 -11.27
CA GLU H 155 -24.53 35.30 -12.50
C GLU H 155 -23.48 34.21 -12.56
N ILE H 156 -22.31 34.46 -11.97
CA ILE H 156 -21.26 33.46 -11.97
C ILE H 156 -21.72 32.31 -11.09
N LYS H 157 -22.49 32.63 -10.05
CA LYS H 157 -23.01 31.64 -9.11
C LYS H 157 -24.02 30.75 -9.81
N ALA H 158 -24.74 31.31 -10.77
CA ALA H 158 -25.73 30.57 -11.54
C ALA H 158 -25.07 29.76 -12.66
N GLY H 159 -23.79 29.45 -12.45
CA GLY H 159 -23.02 28.67 -13.41
C GLY H 159 -22.60 29.34 -14.70
N ARG H 160 -22.64 30.67 -14.77
CA ARG H 160 -22.24 31.39 -15.98
C ARG H 160 -20.85 30.92 -16.37
N ILE H 161 -20.65 30.59 -17.65
CA ILE H 161 -19.35 30.16 -18.11
C ILE H 161 -18.61 31.27 -18.82
N GLU H 162 -17.35 30.99 -19.10
CA GLU H 162 -16.49 31.92 -19.77
C GLU H 162 -15.84 31.21 -20.92
N PHE H 163 -15.65 31.89 -22.03
CA PHE H 163 -15.02 31.21 -23.13
C PHE H 163 -14.03 32.08 -23.85
N ARG H 164 -12.99 31.45 -24.37
CA ARG H 164 -11.95 32.16 -25.09
C ARG H 164 -11.19 31.18 -25.99
N ASN H 165 -11.01 31.59 -27.25
CA ASN H 165 -10.29 30.74 -28.17
C ASN H 165 -8.83 30.73 -27.76
N ASP H 166 -8.17 29.59 -27.93
CA ASP H 166 -6.76 29.44 -27.60
C ASP H 166 -5.90 30.00 -28.73
N LYS H 167 -4.59 30.05 -28.51
CA LYS H 167 -3.74 30.60 -29.55
C LYS H 167 -3.87 29.83 -30.86
N THR H 168 -4.29 28.56 -30.79
CA THR H 168 -4.41 27.74 -31.99
C THR H 168 -5.64 28.03 -32.84
N GLY H 169 -6.61 28.73 -32.27
CA GLY H 169 -7.81 29.05 -33.02
C GLY H 169 -9.04 28.25 -32.67
N ALA H 170 -8.93 27.36 -31.69
CA ALA H 170 -10.09 26.57 -31.26
C ALA H 170 -10.57 27.15 -29.93
N ILE H 171 -11.82 26.87 -29.59
CA ILE H 171 -12.41 27.39 -28.36
C ILE H 171 -13.08 26.19 -27.67
N HIS H 172 -13.07 26.17 -26.34
CA HIS H 172 -13.61 25.03 -25.59
C HIS H 172 -14.42 25.48 -24.39
N ALA H 173 -15.31 24.62 -23.91
CA ALA H 173 -16.14 25.00 -22.76
C ALA H 173 -16.98 23.90 -22.14
N PRO H 174 -17.14 23.93 -20.80
CA PRO H 174 -17.93 22.96 -20.06
C PRO H 174 -19.36 23.46 -20.20
N VAL H 175 -20.33 22.56 -20.34
CA VAL H 175 -21.72 22.95 -20.53
C VAL H 175 -22.68 22.00 -19.81
N GLY H 176 -22.31 21.54 -18.63
CA GLY H 176 -23.17 20.64 -17.91
C GLY H 176 -22.51 19.37 -17.42
N LYS H 177 -23.31 18.53 -16.75
CA LYS H 177 -22.87 17.27 -16.18
C LYS H 177 -23.53 16.11 -16.91
N ALA H 178 -22.90 14.95 -16.91
CA ALA H 178 -23.45 13.79 -17.57
C ALA H 178 -24.74 13.35 -16.91
N SER H 179 -25.01 13.91 -15.73
CA SER H 179 -26.23 13.56 -14.98
C SER H 179 -27.44 14.41 -15.38
N PHE H 180 -27.19 15.49 -16.13
CA PHE H 180 -28.23 16.40 -16.60
C PHE H 180 -29.08 15.69 -17.65
N PRO H 181 -30.39 15.94 -17.66
CA PRO H 181 -31.20 15.26 -18.68
C PRO H 181 -30.81 15.74 -20.10
N PRO H 182 -30.80 14.83 -21.09
CA PRO H 182 -30.44 15.20 -22.46
C PRO H 182 -31.16 16.41 -23.02
N GLU H 183 -32.23 16.81 -22.35
CA GLU H 183 -33.00 17.97 -22.76
C GLU H 183 -32.34 19.22 -22.21
N LYS H 184 -31.94 19.16 -20.94
CA LYS H 184 -31.29 20.30 -20.34
C LYS H 184 -29.91 20.50 -21.01
N LEU H 185 -29.24 19.40 -21.32
CA LEU H 185 -27.93 19.48 -21.97
C LEU H 185 -28.11 20.11 -23.33
N ALA H 186 -28.99 19.52 -24.11
CA ALA H 186 -29.27 20.03 -25.45
C ALA H 186 -29.54 21.54 -25.42
N ASP H 187 -30.07 22.02 -24.30
CA ASP H 187 -30.41 23.43 -24.13
C ASP H 187 -29.16 24.28 -23.98
N ASN H 188 -28.31 23.85 -23.06
CA ASN H 188 -27.04 24.52 -22.74
C ASN H 188 -26.14 24.54 -23.97
N ILE H 189 -26.08 23.41 -24.67
CA ILE H 189 -25.28 23.29 -25.88
C ILE H 189 -25.66 24.43 -26.82
N ARG H 190 -26.95 24.53 -27.15
CA ARG H 190 -27.39 25.53 -28.09
C ARG H 190 -27.13 26.93 -27.54
N ALA H 191 -27.24 27.08 -26.23
CA ALA H 191 -27.00 28.37 -25.59
C ALA H 191 -25.55 28.78 -25.86
N PHE H 192 -24.63 27.92 -25.47
CA PHE H 192 -23.22 28.19 -25.66
C PHE H 192 -22.88 28.42 -27.13
N ILE H 193 -23.54 27.69 -28.03
CA ILE H 193 -23.31 27.83 -29.47
C ILE H 193 -23.64 29.24 -29.98
N ARG H 194 -24.80 29.76 -29.61
CA ARG H 194 -25.21 31.08 -30.07
C ARG H 194 -24.46 32.16 -29.32
N ALA H 195 -23.86 31.76 -28.20
CA ALA H 195 -23.04 32.66 -27.41
C ALA H 195 -21.75 32.82 -28.20
N LEU H 196 -21.43 31.81 -28.99
CA LEU H 196 -20.23 31.81 -29.82
C LEU H 196 -20.53 32.50 -31.15
N GLU H 197 -21.67 32.15 -31.74
CA GLU H 197 -22.09 32.73 -33.01
C GLU H 197 -22.35 34.24 -32.84
N ALA H 198 -22.87 34.60 -31.66
CA ALA H 198 -23.16 36.00 -31.36
C ALA H 198 -21.84 36.77 -31.19
N HIS H 199 -20.76 36.05 -30.95
CA HIS H 199 -19.45 36.66 -30.78
C HIS H 199 -18.56 36.60 -32.01
N LYS H 200 -19.11 36.19 -33.16
CA LYS H 200 -18.30 36.12 -34.36
C LYS H 200 -17.71 37.49 -34.68
N PRO H 201 -16.38 37.58 -34.73
CA PRO H 201 -15.79 38.88 -35.04
C PRO H 201 -16.32 39.48 -36.33
N GLU H 202 -16.15 40.78 -36.46
CA GLU H 202 -16.52 41.53 -37.66
C GLU H 202 -16.21 40.83 -39.01
N GLY H 203 -14.95 40.93 -39.44
CA GLY H 203 -14.51 40.31 -40.66
C GLY H 203 -13.86 38.95 -40.50
N ALA H 204 -14.55 38.02 -39.86
CA ALA H 204 -14.02 36.67 -39.70
C ALA H 204 -14.08 36.00 -41.07
N LYS H 205 -12.90 35.72 -41.63
CA LYS H 205 -12.79 35.10 -42.93
C LYS H 205 -13.26 33.66 -43.01
N GLY H 206 -14.27 33.40 -43.84
CA GLY H 206 -14.75 32.05 -44.02
C GLY H 206 -15.72 31.51 -42.99
N THR H 207 -16.13 30.26 -43.20
CA THR H 207 -17.06 29.57 -42.31
C THR H 207 -16.63 29.71 -40.85
N PHE H 208 -17.48 30.33 -40.04
CA PHE H 208 -17.16 30.54 -38.64
C PHE H 208 -16.96 29.28 -37.81
N LEU H 209 -17.93 28.37 -37.86
CA LEU H 209 -17.83 27.14 -37.10
C LEU H 209 -17.37 26.02 -38.04
N ARG H 210 -16.04 25.92 -38.23
CA ARG H 210 -15.46 24.86 -39.04
C ARG H 210 -16.00 23.50 -38.63
N SER H 211 -15.92 23.25 -37.32
CA SER H 211 -16.39 22.01 -36.74
C SER H 211 -16.90 22.27 -35.34
N VAL H 212 -17.64 21.30 -34.81
CA VAL H 212 -18.17 21.40 -33.46
C VAL H 212 -18.35 20.02 -32.88
N TYR H 213 -17.63 19.73 -31.81
CA TYR H 213 -17.73 18.42 -31.17
C TYR H 213 -18.30 18.58 -29.78
N VAL H 214 -18.93 17.52 -29.31
CA VAL H 214 -19.50 17.49 -27.98
C VAL H 214 -18.86 16.26 -27.34
N THR H 215 -18.30 16.42 -26.15
CA THR H 215 -17.65 15.26 -25.52
C THR H 215 -17.90 15.20 -24.02
N THR H 216 -17.27 14.23 -23.37
CA THR H 216 -17.41 14.05 -21.93
C THR H 216 -15.97 14.11 -21.43
N THR H 217 -15.81 14.46 -20.15
CA THR H 217 -14.53 14.39 -19.46
C THR H 217 -13.63 13.20 -19.80
N MSE H 218 -14.15 11.98 -19.68
CA MSE H 218 -13.35 10.80 -19.94
C MSE H 218 -13.69 10.00 -21.19
O MSE H 218 -12.97 9.06 -21.53
CB MSE H 218 -13.41 9.87 -18.74
CG MSE H 218 -12.96 10.51 -17.45
SE MSE H 218 -11.20 11.29 -17.60
CE MSE H 218 -11.07 12.06 -15.80
N GLY H 219 -14.78 10.36 -21.86
CA GLY H 219 -15.18 9.62 -23.05
C GLY H 219 -14.70 10.23 -24.36
N PRO H 220 -15.05 9.62 -25.51
CA PRO H 220 -14.67 10.10 -26.85
C PRO H 220 -15.47 11.31 -27.30
N SER H 221 -15.18 11.81 -28.50
CA SER H 221 -15.90 12.97 -29.01
C SER H 221 -16.95 12.59 -30.03
N VAL H 222 -18.04 13.33 -30.01
CA VAL H 222 -19.14 13.12 -30.94
C VAL H 222 -19.32 14.40 -31.74
N ARG H 223 -18.96 14.36 -33.02
CA ARG H 223 -19.11 15.53 -33.89
C ARG H 223 -20.60 15.80 -34.05
N ILE H 224 -20.98 17.07 -34.04
CA ILE H 224 -22.38 17.42 -34.18
C ILE H 224 -22.60 18.59 -35.12
N ASN H 225 -23.86 18.85 -35.42
CA ASN H 225 -24.22 19.96 -36.28
C ASN H 225 -24.62 21.14 -35.41
N PRO H 226 -23.87 22.25 -35.48
CA PRO H 226 -24.18 23.42 -34.68
C PRO H 226 -25.56 24.05 -34.92
N HIS H 227 -26.22 23.70 -36.02
CA HIS H 227 -27.53 24.29 -36.29
C HIS H 227 -28.73 23.36 -36.18
N SER H 228 -28.64 22.39 -35.27
CA SER H 228 -29.75 21.45 -35.06
C SER H 228 -30.27 21.56 -33.63
K K I . 16.25 -35.67 13.18
K K J . -12.78 15.06 -22.64
K K K . 27.61 9.68 4.11
K K L . -23.68 -13.63 -0.28
#